data_2LL3
#
_entry.id   2LL3
#
_entity_poly.entity_id   1
_entity_poly.type   'polypeptide(L)'
_entity_poly.pdbx_seq_one_letter_code
;SPDFHDEVECVHTGNIGSKAQTIGEVKRASSLSECRARCQAEKECSHYTYNVKSGLCYPKRGKPQFYKYLGDMTGSRTCD
TS
;
_entity_poly.pdbx_strand_id   A
#
# COMPACT_ATOMS: atom_id res chain seq x y z
N CYS A 10 0.74 -4.88 -11.10
CA CYS A 10 0.89 -3.47 -10.69
C CYS A 10 -0.05 -3.12 -9.54
N VAL A 11 -1.35 -3.39 -9.69
CA VAL A 11 -2.33 -3.01 -8.66
C VAL A 11 -3.41 -4.07 -8.49
N HIS A 12 -3.07 -5.33 -8.69
CA HIS A 12 -4.05 -6.41 -8.54
C HIS A 12 -3.71 -7.31 -7.36
N THR A 13 -4.22 -6.92 -6.19
CA THR A 13 -4.15 -7.71 -4.96
C THR A 13 -2.78 -8.35 -4.71
N GLY A 14 -2.69 -9.66 -4.95
CA GLY A 14 -1.43 -10.36 -4.73
C GLY A 14 -1.38 -11.05 -3.38
N ASN A 15 -1.81 -10.34 -2.33
CA ASN A 15 -1.68 -10.81 -0.95
C ASN A 15 -0.21 -10.82 -0.55
N ILE A 16 0.45 -9.72 -0.87
CA ILE A 16 1.84 -9.53 -0.55
C ILE A 16 2.00 -8.24 0.24
N GLY A 17 2.61 -8.36 1.40
CA GLY A 17 2.90 -7.20 2.22
C GLY A 17 4.27 -6.66 1.92
N SER A 18 4.49 -5.39 2.22
CA SER A 18 5.81 -4.80 2.03
C SER A 18 6.39 -4.33 3.35
N LYS A 19 7.67 -4.62 3.57
CA LYS A 19 8.37 -4.21 4.78
C LYS A 19 8.91 -2.80 4.66
N ALA A 20 8.59 -2.17 3.54
CA ALA A 20 8.98 -0.78 3.31
C ALA A 20 8.24 0.13 4.28
N GLN A 21 8.97 1.07 4.85
CA GLN A 21 8.42 2.00 5.82
C GLN A 21 7.25 2.79 5.25
N THR A 22 6.16 2.78 6.00
CA THR A 22 5.02 3.63 5.69
C THR A 22 5.45 5.09 5.84
N ILE A 23 5.04 5.93 4.91
CA ILE A 23 5.52 7.31 4.84
C ILE A 23 4.98 8.16 5.98
N GLY A 24 4.03 7.60 6.71
CA GLY A 24 3.46 8.30 7.83
C GLY A 24 2.55 7.42 8.65
N GLU A 25 1.57 8.03 9.30
CA GLU A 25 0.59 7.30 10.09
C GLU A 25 -0.28 6.45 9.16
N VAL A 26 -0.54 5.23 9.58
CA VAL A 26 -1.38 4.33 8.80
C VAL A 26 -2.83 4.76 8.88
N LYS A 27 -3.34 5.23 7.75
CA LYS A 27 -4.72 5.65 7.66
C LYS A 27 -5.54 4.55 7.02
N ARG A 28 -6.76 4.36 7.50
CA ARG A 28 -7.59 3.30 6.96
C ARG A 28 -8.28 3.79 5.69
N ALA A 29 -8.36 2.91 4.71
CA ALA A 29 -8.93 3.24 3.43
C ALA A 29 -10.12 2.34 3.10
N SER A 30 -11.21 2.95 2.67
CA SER A 30 -12.44 2.23 2.37
C SER A 30 -12.26 1.37 1.11
N SER A 31 -11.26 1.69 0.32
CA SER A 31 -10.98 0.94 -0.90
C SER A 31 -9.48 0.94 -1.18
N LEU A 32 -9.03 0.01 -2.02
CA LEU A 32 -7.64 0.01 -2.45
C LEU A 32 -7.39 1.20 -3.35
N SER A 33 -8.43 1.58 -4.09
CA SER A 33 -8.39 2.77 -4.94
C SER A 33 -8.07 4.01 -4.11
N GLU A 34 -8.74 4.12 -2.96
CA GLU A 34 -8.48 5.20 -2.02
C GLU A 34 -7.00 5.22 -1.63
N CYS A 35 -6.49 4.04 -1.29
CA CYS A 35 -5.10 3.91 -0.84
C CYS A 35 -4.14 4.27 -1.97
N ARG A 36 -4.58 4.12 -3.22
CA ARG A 36 -3.77 4.54 -4.35
C ARG A 36 -3.60 6.05 -4.34
N ALA A 37 -4.72 6.76 -4.17
CA ALA A 37 -4.70 8.21 -4.09
C ALA A 37 -3.92 8.67 -2.87
N ARG A 38 -3.94 7.85 -1.83
CA ARG A 38 -3.17 8.10 -0.62
C ARG A 38 -1.67 8.01 -0.93
N CYS A 39 -1.33 7.14 -1.86
CA CYS A 39 0.06 6.99 -2.31
C CYS A 39 0.42 8.12 -3.28
N GLN A 40 -0.55 8.54 -4.10
CA GLN A 40 -0.36 9.63 -5.06
C GLN A 40 -0.09 10.93 -4.32
N ALA A 41 -0.53 10.98 -3.07
CA ALA A 41 -0.31 12.12 -2.21
C ALA A 41 1.18 12.30 -1.92
N GLU A 42 1.81 11.27 -1.40
CA GLU A 42 3.22 11.33 -1.06
C GLU A 42 4.08 11.14 -2.32
N LYS A 43 4.92 12.12 -2.59
CA LYS A 43 5.84 12.05 -3.72
C LYS A 43 6.88 10.95 -3.50
N GLU A 44 7.11 10.63 -2.24
CA GLU A 44 8.10 9.61 -1.88
C GLU A 44 7.52 8.21 -2.04
N CYS A 45 6.21 8.13 -2.20
CA CYS A 45 5.52 6.85 -2.26
C CYS A 45 5.75 6.18 -3.61
N SER A 46 6.44 5.04 -3.57
CA SER A 46 6.71 4.29 -4.77
C SER A 46 5.73 3.13 -4.90
N HIS A 47 5.05 2.83 -3.79
CA HIS A 47 4.07 1.75 -3.75
C HIS A 47 3.34 1.79 -2.42
N TYR A 48 2.19 1.12 -2.34
CA TYR A 48 1.43 1.09 -1.11
C TYR A 48 0.94 -0.32 -0.81
N THR A 49 0.84 -0.63 0.47
CA THR A 49 0.28 -1.89 0.90
C THR A 49 -1.08 -1.65 1.54
N TYR A 50 -2.12 -1.98 0.83
CA TYR A 50 -3.47 -1.83 1.35
C TYR A 50 -3.91 -3.12 2.00
N ASN A 51 -3.89 -3.14 3.31
CA ASN A 51 -4.42 -4.26 4.05
C ASN A 51 -5.94 -4.20 4.02
N VAL A 52 -6.51 -4.93 3.09
CA VAL A 52 -7.95 -4.93 2.87
C VAL A 52 -8.67 -5.58 4.04
N LYS A 53 -7.92 -6.44 4.74
CA LYS A 53 -8.46 -7.25 5.82
C LYS A 53 -8.95 -6.38 6.98
N SER A 54 -8.10 -5.46 7.43
CA SER A 54 -8.48 -4.52 8.48
C SER A 54 -8.88 -3.18 7.87
N GLY A 55 -8.64 -3.03 6.58
CA GLY A 55 -9.01 -1.82 5.87
C GLY A 55 -7.98 -0.72 6.03
N LEU A 56 -6.73 -1.11 6.28
CA LEU A 56 -5.66 -0.16 6.53
C LEU A 56 -4.87 0.12 5.25
N CYS A 57 -4.47 1.36 5.07
CA CYS A 57 -3.68 1.75 3.91
C CYS A 57 -2.25 2.07 4.35
N TYR A 58 -1.29 1.41 3.72
CA TYR A 58 0.12 1.64 4.03
C TYR A 58 0.84 2.26 2.84
N PRO A 59 0.83 3.59 2.71
CA PRO A 59 1.60 4.26 1.69
C PRO A 59 3.08 4.17 2.02
N LYS A 60 3.86 3.55 1.15
CA LYS A 60 5.22 3.20 1.48
C LYS A 60 6.23 3.86 0.55
N ARG A 61 7.32 4.31 1.12
CA ARG A 61 8.33 5.03 0.39
C ARG A 61 9.55 4.15 0.15
N GLY A 62 10.42 4.64 -0.72
CA GLY A 62 11.66 3.93 -1.02
C GLY A 62 11.45 2.59 -1.69
N LYS A 63 12.46 1.74 -1.63
CA LYS A 63 12.41 0.41 -2.24
C LYS A 63 11.47 -0.50 -1.46
N PRO A 64 10.86 -1.47 -2.14
CA PRO A 64 9.95 -2.42 -1.52
C PRO A 64 10.63 -3.69 -1.02
N GLN A 65 9.91 -4.42 -0.20
CA GLN A 65 10.32 -5.73 0.28
C GLN A 65 9.06 -6.57 0.43
N PHE A 66 8.97 -7.66 -0.29
CA PHE A 66 7.71 -8.38 -0.39
C PHE A 66 7.69 -9.63 0.48
N TYR A 67 6.56 -9.85 1.12
CA TYR A 67 6.33 -11.05 1.92
C TYR A 67 4.88 -11.48 1.78
N LYS A 68 4.62 -12.76 2.01
CA LYS A 68 3.28 -13.31 1.84
C LYS A 68 2.41 -12.97 3.04
N TYR A 69 1.49 -12.04 2.85
CA TYR A 69 0.54 -11.65 3.88
C TYR A 69 -0.87 -11.60 3.28
N LEU A 70 -1.69 -12.58 3.63
CA LEU A 70 -3.06 -12.62 3.13
C LEU A 70 -3.84 -11.42 3.65
N GLY A 71 -4.36 -10.64 2.73
CA GLY A 71 -5.07 -9.42 3.10
C GLY A 71 -4.35 -8.17 2.64
N ASP A 72 -3.04 -8.25 2.49
CA ASP A 72 -2.27 -7.08 2.06
C ASP A 72 -2.19 -7.01 0.55
N MET A 73 -2.75 -5.96 -0.02
CA MET A 73 -2.66 -5.74 -1.44
C MET A 73 -1.68 -4.63 -1.73
N THR A 74 -0.58 -4.94 -2.39
CA THR A 74 0.42 -3.94 -2.65
C THR A 74 0.30 -3.40 -4.07
N GLY A 75 -0.21 -2.19 -4.17
CA GLY A 75 -0.27 -1.51 -5.44
C GLY A 75 0.98 -0.69 -5.66
N SER A 76 1.59 -0.83 -6.82
CA SER A 76 2.86 -0.18 -7.13
C SER A 76 2.63 1.30 -7.46
N ARG A 77 2.00 2.01 -6.53
CA ARG A 77 1.67 3.44 -6.66
C ARG A 77 0.59 3.64 -7.73
N THR A 78 0.97 3.47 -8.98
CA THR A 78 0.06 3.66 -10.10
C THR A 78 0.36 2.65 -11.20
N CYS A 79 -0.66 2.27 -11.94
CA CYS A 79 -0.47 1.33 -13.04
C CYS A 79 -0.71 2.04 -14.36
N CYS A 10 1.42 -4.62 -14.21
CA CYS A 10 1.53 -3.86 -12.95
C CYS A 10 0.98 -4.66 -11.79
N VAL A 11 1.23 -4.19 -10.57
CA VAL A 11 0.80 -4.90 -9.37
C VAL A 11 -0.10 -4.01 -8.50
N HIS A 12 -1.18 -4.59 -7.98
CA HIS A 12 -2.07 -3.90 -7.07
C HIS A 12 -2.64 -4.86 -6.02
N THR A 13 -3.05 -6.05 -6.47
CA THR A 13 -3.64 -7.02 -5.58
C THR A 13 -2.73 -8.22 -5.37
N GLY A 14 -3.19 -9.18 -4.58
CA GLY A 14 -2.42 -10.35 -4.28
C GLY A 14 -2.30 -10.58 -2.79
N ASN A 15 -1.71 -11.69 -2.40
CA ASN A 15 -1.48 -11.98 -0.98
C ASN A 15 -0.05 -11.63 -0.61
N ILE A 16 0.40 -10.48 -1.08
CA ILE A 16 1.77 -10.04 -0.89
C ILE A 16 1.81 -8.66 -0.26
N GLY A 17 2.26 -8.61 0.99
CA GLY A 17 2.41 -7.36 1.68
C GLY A 17 3.80 -6.82 1.53
N SER A 18 4.00 -5.57 1.90
CA SER A 18 5.32 -4.99 1.86
C SER A 18 5.72 -4.51 3.24
N LYS A 19 6.98 -4.73 3.60
CA LYS A 19 7.46 -4.32 4.91
C LYS A 19 8.32 -3.07 4.80
N ALA A 20 8.20 -2.39 3.68
CA ALA A 20 8.87 -1.12 3.47
C ALA A 20 8.33 -0.10 4.45
N GLN A 21 9.18 0.85 4.82
CA GLN A 21 8.83 1.88 5.76
C GLN A 21 7.67 2.72 5.25
N THR A 22 6.55 2.65 5.96
CA THR A 22 5.40 3.49 5.67
C THR A 22 5.78 4.95 5.90
N ILE A 23 5.36 5.82 4.98
CA ILE A 23 5.83 7.20 4.96
C ILE A 23 5.31 7.98 6.16
N GLY A 24 4.35 7.41 6.87
CA GLY A 24 3.79 8.11 8.01
C GLY A 24 2.72 7.32 8.72
N GLU A 25 1.73 8.03 9.25
CA GLU A 25 0.65 7.42 9.98
C GLU A 25 -0.18 6.52 9.09
N VAL A 26 -0.38 5.29 9.52
CA VAL A 26 -1.21 4.34 8.80
C VAL A 26 -2.67 4.63 9.07
N LYS A 27 -3.32 5.22 8.08
CA LYS A 27 -4.74 5.55 8.20
C LYS A 27 -5.54 4.62 7.32
N ARG A 28 -6.67 4.17 7.81
CA ARG A 28 -7.52 3.25 7.08
C ARG A 28 -8.13 3.93 5.86
N ALA A 29 -8.24 3.18 4.77
CA ALA A 29 -8.78 3.69 3.54
C ALA A 29 -10.06 2.95 3.19
N SER A 30 -10.91 3.57 2.39
CA SER A 30 -12.21 3.01 2.06
C SER A 30 -12.11 1.97 0.94
N SER A 31 -10.94 1.88 0.32
CA SER A 31 -10.71 0.93 -0.76
C SER A 31 -9.23 0.88 -1.09
N LEU A 32 -8.84 -0.07 -1.93
CA LEU A 32 -7.46 -0.12 -2.40
C LEU A 32 -7.20 1.07 -3.32
N SER A 33 -8.23 1.44 -4.06
CA SER A 33 -8.19 2.58 -4.96
C SER A 33 -8.02 3.88 -4.19
N GLU A 34 -8.60 3.94 -3.00
CA GLU A 34 -8.44 5.10 -2.13
C GLU A 34 -7.00 5.19 -1.64
N CYS A 35 -6.43 4.04 -1.29
CA CYS A 35 -5.04 3.97 -0.88
C CYS A 35 -4.13 4.30 -2.05
N ARG A 36 -4.61 4.02 -3.27
CA ARG A 36 -3.91 4.42 -4.48
C ARG A 36 -3.83 5.94 -4.56
N ALA A 37 -5.00 6.58 -4.45
CA ALA A 37 -5.09 8.04 -4.47
C ALA A 37 -4.31 8.65 -3.31
N ARG A 38 -4.25 7.90 -2.23
CA ARG A 38 -3.53 8.29 -1.03
C ARG A 38 -2.02 8.26 -1.30
N CYS A 39 -1.56 7.21 -1.94
CA CYS A 39 -0.15 7.09 -2.34
C CYS A 39 0.19 8.12 -3.42
N GLN A 40 -0.83 8.55 -4.16
CA GLN A 40 -0.67 9.61 -5.15
C GLN A 40 -0.36 10.95 -4.48
N ALA A 41 -0.87 11.12 -3.27
CA ALA A 41 -0.63 12.33 -2.49
C ALA A 41 0.81 12.36 -1.99
N GLU A 42 1.23 11.29 -1.34
CA GLU A 42 2.61 11.16 -0.88
C GLU A 42 3.58 11.16 -2.05
N LYS A 43 4.39 12.20 -2.13
CA LYS A 43 5.39 12.32 -3.20
C LYS A 43 6.46 11.24 -3.07
N GLU A 44 6.76 10.86 -1.84
CA GLU A 44 7.81 9.90 -1.57
C GLU A 44 7.33 8.47 -1.81
N CYS A 45 6.02 8.32 -2.00
CA CYS A 45 5.41 7.00 -2.11
C CYS A 45 5.74 6.36 -3.45
N SER A 46 6.25 5.14 -3.41
CA SER A 46 6.57 4.41 -4.62
C SER A 46 5.58 3.26 -4.80
N HIS A 47 5.03 2.83 -3.68
CA HIS A 47 4.10 1.71 -3.66
C HIS A 47 3.35 1.72 -2.34
N TYR A 48 2.21 1.10 -2.28
CA TYR A 48 1.44 1.07 -1.07
C TYR A 48 0.96 -0.34 -0.78
N THR A 49 0.87 -0.67 0.49
CA THR A 49 0.28 -1.93 0.91
C THR A 49 -1.07 -1.68 1.56
N TYR A 50 -2.11 -2.04 0.87
CA TYR A 50 -3.45 -1.88 1.38
C TYR A 50 -3.90 -3.18 2.04
N ASN A 51 -3.96 -3.17 3.36
CA ASN A 51 -4.45 -4.32 4.09
C ASN A 51 -5.96 -4.35 4.00
N VAL A 52 -6.45 -5.14 3.08
CA VAL A 52 -7.87 -5.16 2.74
C VAL A 52 -8.70 -5.76 3.88
N LYS A 53 -8.05 -6.49 4.77
CA LYS A 53 -8.74 -7.07 5.93
C LYS A 53 -9.10 -5.99 6.93
N SER A 54 -8.10 -5.28 7.43
CA SER A 54 -8.31 -4.25 8.43
C SER A 54 -8.78 -2.94 7.78
N GLY A 55 -8.48 -2.79 6.50
CA GLY A 55 -8.84 -1.59 5.78
C GLY A 55 -7.74 -0.55 5.85
N LEU A 56 -6.56 -0.96 6.30
CA LEU A 56 -5.45 -0.04 6.50
C LEU A 56 -4.72 0.24 5.20
N CYS A 57 -4.32 1.49 5.03
CA CYS A 57 -3.55 1.90 3.86
C CYS A 57 -2.11 2.20 4.25
N TYR A 58 -1.16 1.51 3.63
CA TYR A 58 0.25 1.73 3.93
C TYR A 58 0.99 2.32 2.73
N PRO A 59 1.01 3.64 2.58
CA PRO A 59 1.85 4.30 1.59
C PRO A 59 3.31 4.14 1.99
N LYS A 60 4.07 3.46 1.17
CA LYS A 60 5.45 3.16 1.51
C LYS A 60 6.42 3.81 0.54
N ARG A 61 7.47 4.36 1.10
CA ARG A 61 8.40 5.18 0.34
C ARG A 61 9.67 4.41 -0.03
N GLY A 62 10.29 4.86 -1.11
CA GLY A 62 11.57 4.32 -1.53
C GLY A 62 11.54 2.83 -1.87
N LYS A 63 12.53 2.11 -1.35
CA LYS A 63 12.71 0.69 -1.64
C LYS A 63 11.60 -0.17 -1.04
N PRO A 64 11.17 -1.19 -1.79
CA PRO A 64 10.13 -2.12 -1.38
C PRO A 64 10.70 -3.39 -0.74
N GLN A 65 9.79 -4.22 -0.27
CA GLN A 65 10.10 -5.51 0.36
C GLN A 65 8.82 -6.31 0.44
N PHE A 66 8.79 -7.50 -0.16
CA PHE A 66 7.54 -8.23 -0.28
C PHE A 66 7.51 -9.48 0.59
N TYR A 67 6.39 -9.68 1.27
CA TYR A 67 6.17 -10.86 2.08
C TYR A 67 4.79 -11.45 1.76
N LYS A 68 4.55 -12.67 2.22
CA LYS A 68 3.31 -13.37 1.90
C LYS A 68 2.32 -13.28 3.06
N TYR A 69 1.35 -12.39 2.94
CA TYR A 69 0.30 -12.26 3.94
C TYR A 69 -1.06 -12.17 3.26
N LEU A 70 -1.98 -13.02 3.70
CA LEU A 70 -3.31 -13.07 3.11
C LEU A 70 -4.13 -11.89 3.60
N GLY A 71 -4.11 -10.81 2.84
CA GLY A 71 -4.88 -9.64 3.19
C GLY A 71 -4.18 -8.34 2.83
N ASP A 72 -2.89 -8.43 2.54
CA ASP A 72 -2.14 -7.23 2.18
C ASP A 72 -2.01 -7.14 0.66
N MET A 73 -2.58 -6.11 0.07
CA MET A 73 -2.48 -5.89 -1.36
C MET A 73 -1.52 -4.75 -1.64
N THR A 74 -0.42 -5.05 -2.32
CA THR A 74 0.59 -4.04 -2.58
C THR A 74 0.48 -3.52 -4.02
N GLY A 75 0.18 -2.24 -4.15
CA GLY A 75 0.07 -1.62 -5.45
C GLY A 75 1.20 -0.66 -5.70
N SER A 76 1.73 -0.68 -6.92
CA SER A 76 2.89 0.12 -7.28
C SER A 76 2.53 1.58 -7.56
N ARG A 77 1.67 2.14 -6.71
CA ARG A 77 1.25 3.55 -6.81
C ARG A 77 0.41 3.83 -8.05
N THR A 78 1.04 3.75 -9.21
CA THR A 78 0.40 4.09 -10.46
C THR A 78 -0.22 2.85 -11.13
N CYS A 79 -0.43 2.92 -12.44
CA CYS A 79 -1.09 1.86 -13.20
C CYS A 79 -2.56 1.77 -12.81
N CYS A 10 -1.67 -1.77 -13.41
CA CYS A 10 -1.14 -0.62 -12.65
C CYS A 10 -1.20 -0.89 -11.15
N VAL A 11 -2.40 -1.16 -10.62
CA VAL A 11 -2.54 -1.51 -9.23
C VAL A 11 -2.46 -3.03 -9.05
N HIS A 12 -1.93 -3.47 -7.92
CA HIS A 12 -1.70 -4.89 -7.71
C HIS A 12 -2.38 -5.34 -6.42
N THR A 13 -3.04 -6.48 -6.50
CA THR A 13 -3.70 -7.08 -5.35
C THR A 13 -3.11 -8.45 -5.05
N GLY A 14 -3.71 -9.15 -4.11
CA GLY A 14 -3.21 -10.46 -3.75
C GLY A 14 -2.99 -10.59 -2.26
N ASN A 15 -2.17 -11.55 -1.89
CA ASN A 15 -1.75 -11.71 -0.50
C ASN A 15 -0.27 -11.35 -0.38
N ILE A 16 0.06 -10.18 -0.90
CA ILE A 16 1.43 -9.72 -0.95
C ILE A 16 1.56 -8.36 -0.27
N GLY A 17 2.08 -8.37 0.93
CA GLY A 17 2.33 -7.14 1.64
C GLY A 17 3.74 -6.63 1.40
N SER A 18 4.05 -5.46 1.91
CA SER A 18 5.38 -4.92 1.76
C SER A 18 5.96 -4.46 3.09
N LYS A 19 7.20 -4.84 3.34
CA LYS A 19 7.88 -4.51 4.57
C LYS A 19 8.51 -3.12 4.52
N ALA A 20 8.36 -2.46 3.39
CA ALA A 20 8.86 -1.10 3.21
C ALA A 20 8.27 -0.17 4.27
N GLN A 21 9.04 0.81 4.68
CA GLN A 21 8.62 1.71 5.71
C GLN A 21 7.51 2.64 5.22
N THR A 22 6.40 2.61 5.93
CA THR A 22 5.28 3.50 5.67
C THR A 22 5.73 4.94 5.93
N ILE A 23 5.33 5.86 5.06
CA ILE A 23 5.83 7.23 5.08
C ILE A 23 5.36 7.99 6.31
N GLY A 24 4.44 7.39 7.05
CA GLY A 24 3.93 8.03 8.24
C GLY A 24 2.76 7.30 8.84
N GLU A 25 1.74 8.06 9.20
CA GLU A 25 0.55 7.52 9.84
C GLU A 25 -0.17 6.55 8.93
N VAL A 26 -0.70 5.48 9.50
CA VAL A 26 -1.45 4.50 8.76
C VAL A 26 -2.94 4.75 8.91
N LYS A 27 -3.54 5.35 7.90
CA LYS A 27 -4.96 5.63 7.92
C LYS A 27 -5.70 4.57 7.13
N ARG A 28 -6.89 4.22 7.57
CA ARG A 28 -7.68 3.21 6.88
C ARG A 28 -8.33 3.81 5.66
N ALA A 29 -8.30 3.08 4.56
CA ALA A 29 -8.83 3.56 3.30
C ALA A 29 -10.11 2.83 2.95
N SER A 30 -10.94 3.48 2.15
CA SER A 30 -12.24 2.93 1.78
C SER A 30 -12.11 1.85 0.71
N SER A 31 -10.91 1.76 0.13
CA SER A 31 -10.66 0.77 -0.92
C SER A 31 -9.17 0.74 -1.26
N LEU A 32 -8.75 -0.24 -2.05
CA LEU A 32 -7.38 -0.30 -2.51
C LEU A 32 -7.13 0.84 -3.50
N SER A 33 -8.16 1.17 -4.28
CA SER A 33 -8.09 2.28 -5.22
C SER A 33 -7.96 3.61 -4.48
N GLU A 34 -8.54 3.68 -3.28
CA GLU A 34 -8.40 4.87 -2.45
C GLU A 34 -6.98 4.98 -1.93
N CYS A 35 -6.42 3.85 -1.51
CA CYS A 35 -5.05 3.80 -1.00
C CYS A 35 -4.06 4.14 -2.13
N ARG A 36 -4.48 3.91 -3.38
CA ARG A 36 -3.70 4.36 -4.53
C ARG A 36 -3.52 5.87 -4.48
N ALA A 37 -4.63 6.58 -4.34
CA ALA A 37 -4.61 8.03 -4.30
C ALA A 37 -3.81 8.52 -3.09
N ARG A 38 -3.83 7.74 -2.02
CA ARG A 38 -3.01 8.02 -0.85
C ARG A 38 -1.53 8.03 -1.22
N CYS A 39 -1.11 7.03 -1.98
CA CYS A 39 0.27 6.92 -2.41
C CYS A 39 0.59 8.00 -3.44
N GLN A 40 -0.43 8.44 -4.17
CA GLN A 40 -0.27 9.53 -5.14
C GLN A 40 -0.06 10.85 -4.42
N ALA A 41 -0.80 11.02 -3.32
CA ALA A 41 -0.72 12.21 -2.51
C ALA A 41 0.66 12.35 -1.88
N GLU A 42 1.17 11.25 -1.32
CA GLU A 42 2.52 11.21 -0.80
C GLU A 42 3.53 11.30 -1.94
N LYS A 43 4.35 12.33 -1.92
CA LYS A 43 5.34 12.55 -2.95
C LYS A 43 6.51 11.56 -2.81
N GLU A 44 6.70 11.08 -1.59
CA GLU A 44 7.80 10.17 -1.31
C GLU A 44 7.37 8.72 -1.54
N CYS A 45 6.10 8.52 -1.84
CA CYS A 45 5.55 7.18 -1.96
C CYS A 45 5.92 6.56 -3.30
N SER A 46 6.23 5.27 -3.28
CA SER A 46 6.55 4.55 -4.51
C SER A 46 5.52 3.44 -4.74
N HIS A 47 4.94 2.98 -3.64
CA HIS A 47 3.98 1.89 -3.65
C HIS A 47 3.26 1.86 -2.32
N TYR A 48 2.14 1.18 -2.25
CA TYR A 48 1.38 1.14 -1.02
C TYR A 48 0.96 -0.28 -0.69
N THR A 49 0.87 -0.56 0.59
CA THR A 49 0.34 -1.82 1.05
C THR A 49 -1.03 -1.59 1.67
N TYR A 50 -2.05 -1.99 0.96
CA TYR A 50 -3.40 -1.84 1.45
C TYR A 50 -3.84 -3.10 2.16
N ASN A 51 -3.90 -3.03 3.48
CA ASN A 51 -4.40 -4.15 4.25
C ASN A 51 -5.91 -4.18 4.10
N VAL A 52 -6.37 -5.00 3.17
CA VAL A 52 -7.78 -5.05 2.82
C VAL A 52 -8.59 -5.67 3.96
N LYS A 53 -7.92 -6.45 4.79
CA LYS A 53 -8.56 -7.11 5.91
C LYS A 53 -9.01 -6.10 6.96
N SER A 54 -8.07 -5.33 7.50
CA SER A 54 -8.39 -4.34 8.51
C SER A 54 -8.81 -3.01 7.87
N GLY A 55 -8.50 -2.85 6.59
CA GLY A 55 -8.89 -1.66 5.88
C GLY A 55 -7.81 -0.59 5.91
N LEU A 56 -6.65 -0.95 6.46
CA LEU A 56 -5.57 0.01 6.63
C LEU A 56 -4.84 0.27 5.32
N CYS A 57 -4.48 1.51 5.09
CA CYS A 57 -3.71 1.87 3.91
C CYS A 57 -2.28 2.24 4.32
N TYR A 58 -1.31 1.60 3.69
CA TYR A 58 0.09 1.86 4.00
C TYR A 58 0.82 2.49 2.82
N PRO A 59 0.81 3.82 2.70
CA PRO A 59 1.65 4.52 1.74
C PRO A 59 3.12 4.33 2.10
N LYS A 60 3.86 3.65 1.25
CA LYS A 60 5.23 3.27 1.59
C LYS A 60 6.24 3.91 0.65
N ARG A 61 7.34 4.35 1.23
CA ARG A 61 8.34 5.09 0.51
C ARG A 61 9.60 4.26 0.31
N GLY A 62 10.44 4.69 -0.62
CA GLY A 62 11.70 4.01 -0.86
C GLY A 62 11.54 2.71 -1.62
N LYS A 63 12.56 1.88 -1.57
CA LYS A 63 12.55 0.59 -2.24
C LYS A 63 11.66 -0.39 -1.50
N PRO A 64 10.92 -1.24 -2.24
CA PRO A 64 9.95 -2.14 -1.65
C PRO A 64 10.54 -3.48 -1.22
N GLN A 65 9.74 -4.21 -0.49
CA GLN A 65 10.05 -5.56 -0.04
C GLN A 65 8.74 -6.31 0.07
N PHE A 66 8.59 -7.39 -0.66
CA PHE A 66 7.30 -8.07 -0.72
C PHE A 66 7.33 -9.38 0.04
N TYR A 67 6.22 -9.69 0.70
CA TYR A 67 6.09 -10.94 1.44
C TYR A 67 4.73 -11.59 1.17
N LYS A 68 4.49 -12.73 1.79
CA LYS A 68 3.29 -13.50 1.56
C LYS A 68 2.40 -13.49 2.80
N TYR A 69 1.47 -12.53 2.84
CA TYR A 69 0.54 -12.43 3.95
C TYR A 69 -0.88 -12.23 3.43
N LEU A 70 -1.79 -13.08 3.85
CA LEU A 70 -3.19 -12.92 3.49
C LEU A 70 -3.80 -11.79 4.31
N GLY A 71 -3.94 -10.63 3.67
CA GLY A 71 -4.50 -9.49 4.33
C GLY A 71 -4.07 -8.19 3.71
N ASP A 72 -2.86 -8.17 3.17
CA ASP A 72 -2.30 -6.95 2.59
C ASP A 72 -2.10 -7.06 1.09
N MET A 73 -2.49 -6.00 0.39
CA MET A 73 -2.34 -5.92 -1.06
C MET A 73 -1.44 -4.76 -1.43
N THR A 74 -0.31 -5.05 -2.03
CA THR A 74 0.63 -4.00 -2.39
C THR A 74 0.50 -3.61 -3.86
N GLY A 75 0.06 -2.38 -4.07
CA GLY A 75 -0.06 -1.86 -5.41
C GLY A 75 0.94 -0.75 -5.65
N SER A 76 1.20 -0.45 -6.91
CA SER A 76 2.15 0.60 -7.27
C SER A 76 1.54 1.97 -6.98
N ARG A 77 2.38 3.00 -6.89
CA ARG A 77 1.91 4.35 -6.60
C ARG A 77 0.76 4.73 -7.53
N THR A 78 0.92 4.41 -8.80
CA THR A 78 -0.12 4.62 -9.77
C THR A 78 -0.10 3.51 -10.81
N CYS A 79 1.06 3.30 -11.43
CA CYS A 79 1.20 2.29 -12.45
C CYS A 79 2.67 1.92 -12.63
N CYS A 10 1.21 -3.36 -12.25
CA CYS A 10 0.98 -2.31 -11.25
C CYS A 10 0.39 -2.87 -9.96
N VAL A 11 -0.86 -3.33 -10.03
CA VAL A 11 -1.51 -3.90 -8.85
C VAL A 11 -1.96 -5.33 -9.15
N HIS A 12 -1.54 -6.27 -8.30
CA HIS A 12 -1.94 -7.66 -8.47
C HIS A 12 -3.03 -8.04 -7.47
N THR A 13 -3.16 -7.23 -6.43
CA THR A 13 -4.10 -7.46 -5.32
C THR A 13 -3.98 -8.86 -4.75
N GLY A 14 -2.75 -9.35 -4.69
CA GLY A 14 -2.50 -10.67 -4.17
C GLY A 14 -2.21 -10.66 -2.69
N ASN A 15 -1.84 -11.82 -2.15
CA ASN A 15 -1.45 -11.92 -0.75
C ASN A 15 0.03 -11.55 -0.61
N ILE A 16 0.38 -10.40 -1.15
CA ILE A 16 1.77 -9.96 -1.18
C ILE A 16 1.86 -8.53 -0.64
N GLY A 17 2.32 -8.42 0.59
CA GLY A 17 2.50 -7.12 1.21
C GLY A 17 3.95 -6.69 1.11
N SER A 18 4.25 -5.52 1.65
CA SER A 18 5.63 -5.06 1.67
C SER A 18 5.99 -4.48 3.03
N LYS A 19 7.14 -4.89 3.55
CA LYS A 19 7.61 -4.42 4.85
C LYS A 19 8.34 -3.09 4.75
N ALA A 20 8.09 -2.38 3.66
CA ALA A 20 8.69 -1.08 3.44
C ALA A 20 8.16 -0.07 4.44
N GLN A 21 8.99 0.89 4.80
CA GLN A 21 8.63 1.92 5.74
C GLN A 21 7.45 2.75 5.23
N THR A 22 6.35 2.72 5.96
CA THR A 22 5.22 3.57 5.69
C THR A 22 5.63 5.02 5.93
N ILE A 23 5.24 5.90 5.01
CA ILE A 23 5.75 7.28 5.01
C ILE A 23 5.14 8.11 6.14
N GLY A 24 4.26 7.50 6.92
CA GLY A 24 3.70 8.21 8.05
C GLY A 24 2.55 7.47 8.69
N GLU A 25 1.58 8.26 9.18
CA GLU A 25 0.42 7.72 9.89
C GLU A 25 -0.37 6.77 9.01
N VAL A 26 -0.61 5.56 9.51
CA VAL A 26 -1.39 4.59 8.79
C VAL A 26 -2.87 4.87 8.97
N LYS A 27 -3.46 5.49 7.98
CA LYS A 27 -4.88 5.77 7.99
C LYS A 27 -5.61 4.76 7.14
N ARG A 28 -6.83 4.42 7.51
CA ARG A 28 -7.58 3.42 6.80
C ARG A 28 -8.18 4.00 5.53
N ALA A 29 -8.36 3.16 4.54
CA ALA A 29 -8.87 3.59 3.25
C ALA A 29 -10.10 2.78 2.88
N SER A 30 -11.07 3.44 2.25
CA SER A 30 -12.35 2.82 1.90
C SER A 30 -12.17 1.70 0.89
N SER A 31 -11.07 1.73 0.15
CA SER A 31 -10.79 0.70 -0.83
C SER A 31 -9.29 0.71 -1.14
N LEU A 32 -8.84 -0.23 -1.95
CA LEU A 32 -7.44 -0.24 -2.35
C LEU A 32 -7.16 0.96 -3.24
N SER A 33 -8.11 1.27 -4.12
CA SER A 33 -7.99 2.41 -5.02
C SER A 33 -7.88 3.71 -4.24
N GLU A 34 -8.54 3.76 -3.08
CA GLU A 34 -8.47 4.92 -2.21
C GLU A 34 -7.05 5.06 -1.65
N CYS A 35 -6.43 3.95 -1.31
CA CYS A 35 -5.05 3.93 -0.84
C CYS A 35 -4.12 4.32 -1.98
N ARG A 36 -4.51 3.97 -3.21
CA ARG A 36 -3.77 4.38 -4.40
C ARG A 36 -3.74 5.90 -4.50
N ALA A 37 -4.93 6.50 -4.42
CA ALA A 37 -5.07 7.96 -4.42
C ALA A 37 -4.29 8.57 -3.27
N ARG A 38 -4.31 7.88 -2.15
CA ARG A 38 -3.64 8.31 -0.95
C ARG A 38 -2.11 8.26 -1.14
N CYS A 39 -1.64 7.26 -1.88
CA CYS A 39 -0.22 7.16 -2.22
C CYS A 39 0.19 8.27 -3.18
N GLN A 40 -0.78 8.77 -3.95
CA GLN A 40 -0.53 9.85 -4.88
C GLN A 40 -0.25 11.14 -4.12
N ALA A 41 -0.86 11.25 -2.95
CA ALA A 41 -0.64 12.40 -2.07
C ALA A 41 0.80 12.42 -1.57
N GLU A 42 1.28 11.28 -1.10
CA GLU A 42 2.66 11.13 -0.71
C GLU A 42 3.59 11.11 -1.93
N LYS A 43 4.32 12.19 -2.12
CA LYS A 43 5.24 12.31 -3.24
C LYS A 43 6.33 11.24 -3.15
N GLU A 44 6.68 10.88 -1.92
CA GLU A 44 7.75 9.95 -1.65
C GLU A 44 7.27 8.50 -1.77
N CYS A 45 5.98 8.34 -2.01
CA CYS A 45 5.37 7.01 -2.06
C CYS A 45 5.61 6.36 -3.42
N SER A 46 6.37 5.27 -3.41
CA SER A 46 6.68 4.54 -4.63
C SER A 46 5.63 3.45 -4.86
N HIS A 47 5.01 3.03 -3.77
CA HIS A 47 4.07 1.93 -3.79
C HIS A 47 3.29 1.95 -2.48
N TYR A 48 2.16 1.26 -2.44
CA TYR A 48 1.36 1.23 -1.24
C TYR A 48 0.92 -0.19 -0.93
N THR A 49 0.88 -0.51 0.34
CA THR A 49 0.32 -1.77 0.80
C THR A 49 -1.01 -1.51 1.47
N TYR A 50 -2.07 -1.87 0.80
CA TYR A 50 -3.40 -1.71 1.36
C TYR A 50 -3.79 -3.00 2.07
N ASN A 51 -3.76 -2.96 3.38
CA ASN A 51 -4.19 -4.09 4.17
C ASN A 51 -5.71 -4.12 4.18
N VAL A 52 -6.26 -4.91 3.28
CA VAL A 52 -7.70 -4.97 3.10
C VAL A 52 -8.34 -5.74 4.25
N LYS A 53 -7.50 -6.37 5.05
CA LYS A 53 -7.95 -7.14 6.20
C LYS A 53 -8.50 -6.22 7.28
N SER A 54 -7.74 -5.19 7.63
CA SER A 54 -8.16 -4.20 8.61
C SER A 54 -8.63 -2.92 7.92
N GLY A 55 -8.45 -2.86 6.60
CA GLY A 55 -8.86 -1.70 5.84
C GLY A 55 -7.84 -0.58 5.91
N LEU A 56 -6.63 -0.92 6.35
CA LEU A 56 -5.57 0.06 6.55
C LEU A 56 -4.80 0.33 5.27
N CYS A 57 -4.41 1.58 5.07
CA CYS A 57 -3.64 1.97 3.91
C CYS A 57 -2.21 2.30 4.32
N TYR A 58 -1.24 1.66 3.67
CA TYR A 58 0.16 1.92 3.95
C TYR A 58 0.86 2.49 2.73
N PRO A 59 0.84 3.82 2.57
CA PRO A 59 1.68 4.48 1.58
C PRO A 59 3.13 4.29 1.97
N LYS A 60 3.86 3.55 1.16
CA LYS A 60 5.22 3.18 1.53
C LYS A 60 6.24 3.77 0.58
N ARG A 61 7.33 4.22 1.16
CA ARG A 61 8.36 4.91 0.42
C ARG A 61 9.58 4.02 0.22
N GLY A 62 10.40 4.37 -0.75
CA GLY A 62 11.64 3.67 -1.00
C GLY A 62 11.43 2.36 -1.74
N LYS A 63 12.42 1.47 -1.64
CA LYS A 63 12.32 0.16 -2.28
C LYS A 63 11.72 -0.84 -1.30
N PRO A 64 10.76 -1.65 -1.77
CA PRO A 64 9.97 -2.52 -0.90
C PRO A 64 10.56 -3.89 -0.69
N GLN A 65 9.99 -4.59 0.28
CA GLN A 65 10.31 -5.98 0.55
C GLN A 65 9.01 -6.75 0.64
N PHE A 66 8.83 -7.73 -0.21
CA PHE A 66 7.54 -8.39 -0.33
C PHE A 66 7.47 -9.65 0.54
N TYR A 67 6.27 -9.93 1.01
CA TYR A 67 6.01 -11.11 1.83
C TYR A 67 4.65 -11.72 1.46
N LYS A 68 4.40 -12.93 1.94
CA LYS A 68 3.18 -13.64 1.60
C LYS A 68 2.18 -13.60 2.75
N TYR A 69 1.31 -12.60 2.73
CA TYR A 69 0.29 -12.46 3.77
C TYR A 69 -1.07 -12.18 3.13
N LEU A 70 -2.04 -13.03 3.45
CA LEU A 70 -3.40 -12.84 2.94
C LEU A 70 -4.04 -11.68 3.67
N GLY A 71 -4.03 -10.51 3.04
CA GLY A 71 -4.60 -9.34 3.64
C GLY A 71 -3.91 -8.07 3.18
N ASP A 72 -2.65 -8.19 2.78
CA ASP A 72 -1.89 -7.02 2.34
C ASP A 72 -1.79 -7.01 0.82
N MET A 73 -2.40 -6.01 0.19
CA MET A 73 -2.29 -5.87 -1.25
C MET A 73 -1.38 -4.70 -1.60
N THR A 74 -0.27 -4.99 -2.25
CA THR A 74 0.70 -3.97 -2.59
C THR A 74 0.59 -3.55 -4.04
N GLY A 75 0.34 -2.28 -4.26
CA GLY A 75 0.22 -1.76 -5.61
C GLY A 75 1.20 -0.63 -5.86
N SER A 76 1.57 -0.44 -7.12
CA SER A 76 2.45 0.66 -7.49
C SER A 76 1.72 2.00 -7.35
N ARG A 77 2.48 3.06 -7.06
CA ARG A 77 1.90 4.37 -6.73
C ARG A 77 0.84 4.82 -7.73
N THR A 78 1.15 4.76 -9.02
CA THR A 78 0.21 5.21 -10.04
C THR A 78 0.48 4.47 -11.35
N CYS A 79 -0.58 4.18 -12.10
CA CYS A 79 -0.45 3.46 -13.35
C CYS A 79 -1.64 3.76 -14.25
N CYS A 10 -9.08 -2.15 -11.52
CA CYS A 10 -7.83 -2.93 -11.71
C CYS A 10 -7.70 -3.99 -10.63
N VAL A 11 -7.55 -3.54 -9.38
CA VAL A 11 -7.53 -4.43 -8.21
C VAL A 11 -6.41 -5.48 -8.30
N HIS A 12 -5.20 -5.07 -7.96
CA HIS A 12 -4.09 -6.01 -7.84
C HIS A 12 -3.97 -6.48 -6.40
N THR A 13 -4.74 -7.51 -6.07
CA THR A 13 -4.82 -7.99 -4.70
C THR A 13 -3.57 -8.78 -4.32
N GLY A 14 -3.51 -10.04 -4.72
CA GLY A 14 -2.42 -10.89 -4.33
C GLY A 14 -2.42 -11.17 -2.83
N ASN A 15 -1.42 -11.88 -2.38
CA ASN A 15 -1.16 -12.02 -0.97
C ASN A 15 0.23 -11.45 -0.69
N ILE A 16 0.47 -10.32 -1.32
CA ILE A 16 1.79 -9.72 -1.34
C ILE A 16 1.80 -8.45 -0.50
N GLY A 17 2.28 -8.57 0.72
CA GLY A 17 2.44 -7.41 1.56
C GLY A 17 3.83 -6.85 1.44
N SER A 18 4.07 -5.68 2.00
CA SER A 18 5.39 -5.09 1.94
C SER A 18 5.79 -4.55 3.30
N LYS A 19 7.03 -4.78 3.70
CA LYS A 19 7.54 -4.27 4.96
C LYS A 19 8.29 -2.96 4.77
N ALA A 20 8.04 -2.29 3.67
CA ALA A 20 8.57 -0.95 3.43
C ALA A 20 8.03 0.00 4.46
N GLN A 21 8.71 1.11 4.63
CA GLN A 21 8.39 2.05 5.66
C GLN A 21 7.34 3.05 5.17
N THR A 22 6.27 3.16 5.95
CA THR A 22 5.19 4.07 5.64
C THR A 22 5.67 5.51 5.67
N ILE A 23 5.21 6.30 4.71
CA ILE A 23 5.64 7.69 4.55
C ILE A 23 5.00 8.57 5.62
N GLY A 24 4.02 8.00 6.32
CA GLY A 24 3.34 8.70 7.38
C GLY A 24 2.61 7.74 8.28
N GLU A 25 1.58 8.23 8.96
CA GLU A 25 0.78 7.39 9.84
C GLU A 25 -0.16 6.52 9.01
N VAL A 26 -0.42 5.31 9.50
CA VAL A 26 -1.28 4.38 8.80
C VAL A 26 -2.74 4.71 9.03
N LYS A 27 -3.35 5.31 8.04
CA LYS A 27 -4.76 5.65 8.10
C LYS A 27 -5.55 4.61 7.32
N ARG A 28 -6.83 4.46 7.64
CA ARG A 28 -7.65 3.45 7.02
C ARG A 28 -8.19 3.98 5.70
N ALA A 29 -8.36 3.09 4.73
CA ALA A 29 -8.85 3.49 3.41
C ALA A 29 -10.04 2.64 3.01
N SER A 30 -10.97 3.28 2.28
CA SER A 30 -12.21 2.65 1.89
C SER A 30 -12.00 1.53 0.88
N SER A 31 -10.88 1.57 0.17
CA SER A 31 -10.59 0.58 -0.85
C SER A 31 -9.11 0.57 -1.18
N LEU A 32 -8.70 -0.30 -2.11
CA LEU A 32 -7.32 -0.33 -2.57
C LEU A 32 -7.04 0.93 -3.38
N SER A 33 -8.01 1.30 -4.23
CA SER A 33 -7.89 2.52 -5.04
C SER A 33 -7.80 3.76 -4.14
N GLU A 34 -8.44 3.68 -2.98
CA GLU A 34 -8.34 4.74 -1.99
C GLU A 34 -6.89 4.84 -1.53
N CYS A 35 -6.30 3.70 -1.20
CA CYS A 35 -4.92 3.65 -0.75
C CYS A 35 -3.98 4.14 -1.87
N ARG A 36 -4.40 3.95 -3.12
CA ARG A 36 -3.67 4.52 -4.24
C ARG A 36 -3.67 6.04 -4.16
N ALA A 37 -4.84 6.60 -3.86
CA ALA A 37 -4.99 8.03 -3.68
C ALA A 37 -4.19 8.51 -2.48
N ARG A 38 -4.12 7.66 -1.46
CA ARG A 38 -3.32 7.93 -0.27
C ARG A 38 -1.84 7.94 -0.61
N CYS A 39 -1.48 7.10 -1.58
CA CYS A 39 -0.11 7.05 -2.09
C CYS A 39 0.17 8.28 -2.95
N GLN A 40 -0.84 8.71 -3.71
CA GLN A 40 -0.74 9.90 -4.55
C GLN A 40 -0.46 11.14 -3.73
N ALA A 41 -0.86 11.10 -2.46
CA ALA A 41 -0.66 12.22 -1.56
C ALA A 41 0.83 12.48 -1.34
N GLU A 42 1.61 11.42 -1.18
CA GLU A 42 3.03 11.54 -0.91
C GLU A 42 3.82 11.62 -2.21
N LYS A 43 4.99 12.25 -2.14
CA LYS A 43 5.85 12.41 -3.30
C LYS A 43 6.80 11.22 -3.44
N GLU A 44 7.19 10.65 -2.31
CA GLU A 44 8.17 9.57 -2.30
C GLU A 44 7.51 8.20 -2.47
N CYS A 45 6.19 8.19 -2.55
CA CYS A 45 5.45 6.92 -2.55
C CYS A 45 5.65 6.17 -3.85
N SER A 46 6.43 5.10 -3.77
CA SER A 46 6.70 4.25 -4.91
C SER A 46 5.66 3.15 -5.01
N HIS A 47 5.07 2.81 -3.88
CA HIS A 47 4.12 1.72 -3.78
C HIS A 47 3.36 1.81 -2.47
N TYR A 48 2.30 1.04 -2.35
CA TYR A 48 1.51 1.06 -1.13
C TYR A 48 1.03 -0.35 -0.80
N THR A 49 0.90 -0.60 0.48
CA THR A 49 0.36 -1.85 0.97
C THR A 49 -0.98 -1.60 1.63
N TYR A 50 -2.05 -1.99 0.97
CA TYR A 50 -3.37 -1.81 1.52
C TYR A 50 -3.88 -3.11 2.10
N ASN A 51 -3.99 -3.16 3.42
CA ASN A 51 -4.48 -4.34 4.11
C ASN A 51 -5.99 -4.30 4.13
N VAL A 52 -6.61 -5.06 3.22
CA VAL A 52 -8.06 -5.04 3.07
C VAL A 52 -8.76 -5.58 4.31
N LYS A 53 -8.08 -6.46 5.05
CA LYS A 53 -8.64 -7.07 6.24
C LYS A 53 -8.90 -6.03 7.33
N SER A 54 -7.89 -5.26 7.68
CA SER A 54 -8.02 -4.22 8.69
C SER A 54 -8.50 -2.91 8.06
N GLY A 55 -8.51 -2.88 6.73
CA GLY A 55 -8.93 -1.69 6.02
C GLY A 55 -7.90 -0.59 6.09
N LEU A 56 -6.66 -0.97 6.34
CA LEU A 56 -5.59 0.00 6.55
C LEU A 56 -4.81 0.24 5.28
N CYS A 57 -4.42 1.48 5.06
CA CYS A 57 -3.62 1.84 3.92
C CYS A 57 -2.20 2.17 4.35
N TYR A 58 -1.23 1.57 3.70
CA TYR A 58 0.17 1.84 3.99
C TYR A 58 0.87 2.46 2.79
N PRO A 59 0.84 3.79 2.66
CA PRO A 59 1.60 4.50 1.64
C PRO A 59 3.08 4.42 1.97
N LYS A 60 3.86 3.80 1.08
CA LYS A 60 5.24 3.48 1.41
C LYS A 60 6.21 4.02 0.38
N ARG A 61 7.35 4.48 0.87
CA ARG A 61 8.33 5.15 0.02
C ARG A 61 9.64 4.39 -0.03
N GLY A 62 10.44 4.69 -1.04
CA GLY A 62 11.73 4.08 -1.20
C GLY A 62 11.65 2.69 -1.82
N LYS A 63 12.45 1.77 -1.30
CA LYS A 63 12.51 0.42 -1.83
C LYS A 63 11.64 -0.53 -1.02
N PRO A 64 10.94 -1.44 -1.70
CA PRO A 64 10.02 -2.36 -1.06
C PRO A 64 10.62 -3.72 -0.70
N GLN A 65 9.97 -4.37 0.24
CA GLN A 65 10.25 -5.75 0.61
C GLN A 65 8.91 -6.45 0.69
N PHE A 66 8.78 -7.63 0.10
CA PHE A 66 7.47 -8.27 0.02
C PHE A 66 7.38 -9.52 0.89
N TYR A 67 6.17 -9.83 1.34
CA TYR A 67 5.92 -11.04 2.12
C TYR A 67 4.59 -11.67 1.71
N LYS A 68 4.33 -12.87 2.18
CA LYS A 68 3.19 -13.66 1.73
C LYS A 68 2.06 -13.62 2.77
N TYR A 69 1.18 -12.63 2.67
CA TYR A 69 0.07 -12.50 3.59
C TYR A 69 -1.22 -12.24 2.83
N LEU A 70 -2.22 -13.09 3.05
CA LEU A 70 -3.51 -12.94 2.37
C LEU A 70 -4.32 -11.83 3.03
N GLY A 71 -4.19 -10.63 2.49
CA GLY A 71 -4.93 -9.50 3.00
C GLY A 71 -4.27 -8.19 2.65
N ASP A 72 -2.98 -8.24 2.31
CA ASP A 72 -2.25 -7.05 1.93
C ASP A 72 -2.13 -6.98 0.42
N MET A 73 -2.61 -5.89 -0.15
CA MET A 73 -2.47 -5.66 -1.58
C MET A 73 -1.41 -4.58 -1.78
N THR A 74 -0.31 -4.93 -2.42
CA THR A 74 0.75 -3.98 -2.64
C THR A 74 0.86 -3.60 -4.11
N GLY A 75 0.39 -2.40 -4.43
CA GLY A 75 0.46 -1.90 -5.78
C GLY A 75 1.52 -0.83 -5.92
N SER A 76 2.19 -0.81 -7.06
CA SER A 76 3.25 0.16 -7.29
C SER A 76 2.68 1.51 -7.71
N ARG A 77 2.16 2.25 -6.73
CA ARG A 77 1.59 3.60 -6.90
C ARG A 77 0.57 3.65 -8.05
N THR A 78 0.02 2.50 -8.39
CA THR A 78 -0.97 2.38 -9.44
C THR A 78 -1.99 1.29 -9.09
N CYS A 79 -3.08 1.24 -9.83
CA CYS A 79 -4.15 0.29 -9.54
C CYS A 79 -3.77 -1.11 -9.96
N CYS A 10 -5.92 -2.14 -12.07
CA CYS A 10 -4.94 -1.83 -11.01
C CYS A 10 -5.18 -2.68 -9.75
N VAL A 11 -6.02 -3.70 -9.87
CA VAL A 11 -6.28 -4.60 -8.75
C VAL A 11 -5.21 -5.69 -8.70
N HIS A 12 -4.12 -5.40 -8.03
CA HIS A 12 -3.02 -6.36 -7.91
C HIS A 12 -3.38 -7.47 -6.93
N THR A 13 -3.92 -7.06 -5.78
CA THR A 13 -4.23 -7.96 -4.69
C THR A 13 -2.95 -8.66 -4.19
N GLY A 14 -2.64 -9.83 -4.72
CA GLY A 14 -1.38 -10.48 -4.42
C GLY A 14 -1.37 -11.20 -3.08
N ASN A 15 -1.81 -10.51 -2.04
CA ASN A 15 -1.64 -10.97 -0.66
C ASN A 15 -0.16 -10.91 -0.31
N ILE A 16 0.42 -9.75 -0.60
CA ILE A 16 1.82 -9.50 -0.37
C ILE A 16 1.98 -8.25 0.49
N GLY A 17 2.65 -8.41 1.62
CA GLY A 17 2.97 -7.27 2.45
C GLY A 17 4.29 -6.67 2.04
N SER A 18 4.68 -5.57 2.64
CA SER A 18 5.93 -4.94 2.27
C SER A 18 6.66 -4.40 3.48
N LYS A 19 7.95 -4.74 3.59
CA LYS A 19 8.77 -4.28 4.69
C LYS A 19 9.24 -2.84 4.46
N ALA A 20 8.73 -2.22 3.41
CA ALA A 20 9.03 -0.83 3.12
C ALA A 20 8.38 0.07 4.16
N GLN A 21 9.06 1.15 4.50
CA GLN A 21 8.61 2.06 5.53
C GLN A 21 7.39 2.86 5.07
N THR A 22 6.38 2.91 5.93
CA THR A 22 5.19 3.72 5.68
C THR A 22 5.55 5.19 5.72
N ILE A 23 5.07 5.95 4.74
CA ILE A 23 5.42 7.36 4.58
C ILE A 23 4.81 8.20 5.70
N GLY A 24 3.85 7.62 6.38
CA GLY A 24 3.21 8.28 7.49
C GLY A 24 2.44 7.31 8.36
N GLU A 25 1.51 7.82 9.15
CA GLU A 25 0.70 6.96 10.00
C GLU A 25 -0.26 6.15 9.14
N VAL A 26 -0.64 4.98 9.62
CA VAL A 26 -1.53 4.11 8.85
C VAL A 26 -2.97 4.52 9.08
N LYS A 27 -3.56 5.08 8.04
CA LYS A 27 -4.94 5.48 8.10
C LYS A 27 -5.77 4.50 7.28
N ARG A 28 -6.93 4.14 7.80
CA ARG A 28 -7.78 3.18 7.12
C ARG A 28 -8.40 3.84 5.89
N ALA A 29 -8.39 3.12 4.77
CA ALA A 29 -8.85 3.67 3.52
C ALA A 29 -10.19 3.07 3.12
N SER A 30 -10.90 3.79 2.26
CA SER A 30 -12.21 3.36 1.79
C SER A 30 -12.11 2.18 0.84
N SER A 31 -10.96 2.05 0.20
CA SER A 31 -10.73 1.00 -0.78
C SER A 31 -9.26 0.97 -1.19
N LEU A 32 -8.85 -0.04 -1.96
CA LEU A 32 -7.47 -0.13 -2.42
C LEU A 32 -7.15 1.06 -3.31
N SER A 33 -8.06 1.37 -4.22
CA SER A 33 -7.91 2.50 -5.11
C SER A 33 -7.80 3.80 -4.32
N GLU A 34 -8.45 3.84 -3.16
CA GLU A 34 -8.38 4.99 -2.27
C GLU A 34 -6.97 5.12 -1.69
N CYS A 35 -6.40 3.97 -1.33
CA CYS A 35 -5.05 3.93 -0.80
C CYS A 35 -4.05 4.41 -1.85
N ARG A 36 -4.39 4.20 -3.11
CA ARG A 36 -3.55 4.67 -4.21
C ARG A 36 -3.49 6.19 -4.19
N ALA A 37 -4.60 6.84 -3.90
CA ALA A 37 -4.65 8.30 -3.79
C ALA A 37 -3.92 8.76 -2.54
N ARG A 38 -3.99 7.95 -1.49
CA ARG A 38 -3.25 8.23 -0.27
C ARG A 38 -1.76 8.16 -0.52
N CYS A 39 -1.36 7.27 -1.42
CA CYS A 39 0.04 7.14 -1.79
C CYS A 39 0.39 8.15 -2.88
N GLN A 40 -0.60 8.52 -3.68
CA GLN A 40 -0.42 9.52 -4.73
C GLN A 40 -0.15 10.89 -4.09
N ALA A 41 -0.66 11.08 -2.89
CA ALA A 41 -0.46 12.30 -2.13
C ALA A 41 1.01 12.43 -1.74
N GLU A 42 1.68 11.30 -1.56
CA GLU A 42 3.08 11.29 -1.23
C GLU A 42 3.92 11.18 -2.50
N LYS A 43 4.83 12.13 -2.68
CA LYS A 43 5.73 12.09 -3.83
C LYS A 43 6.79 11.02 -3.60
N GLU A 44 7.07 10.76 -2.33
CA GLU A 44 8.05 9.75 -1.94
C GLU A 44 7.54 8.35 -2.24
N CYS A 45 6.24 8.19 -2.36
CA CYS A 45 5.61 6.88 -2.55
C CYS A 45 6.09 6.21 -3.82
N SER A 46 6.31 4.90 -3.71
CA SER A 46 6.63 4.08 -4.87
C SER A 46 5.55 3.01 -5.04
N HIS A 47 5.03 2.55 -3.91
CA HIS A 47 4.03 1.51 -3.86
C HIS A 47 3.30 1.58 -2.54
N TYR A 48 2.15 0.96 -2.44
CA TYR A 48 1.37 0.99 -1.21
C TYR A 48 0.92 -0.41 -0.84
N THR A 49 0.78 -0.64 0.44
CA THR A 49 0.25 -1.89 0.94
C THR A 49 -1.10 -1.66 1.58
N TYR A 50 -2.13 -2.18 0.96
CA TYR A 50 -3.48 -1.99 1.45
C TYR A 50 -3.97 -3.26 2.12
N ASN A 51 -4.01 -3.26 3.44
CA ASN A 51 -4.56 -4.38 4.16
C ASN A 51 -6.07 -4.34 4.03
N VAL A 52 -6.58 -5.10 3.08
CA VAL A 52 -7.97 -5.04 2.70
C VAL A 52 -8.86 -5.65 3.79
N LYS A 53 -8.26 -6.46 4.64
CA LYS A 53 -8.98 -7.10 5.72
C LYS A 53 -9.47 -6.08 6.75
N SER A 54 -8.56 -5.31 7.33
CA SER A 54 -8.94 -4.27 8.26
C SER A 54 -9.32 -3.00 7.51
N GLY A 55 -8.83 -2.88 6.28
CA GLY A 55 -9.10 -1.69 5.49
C GLY A 55 -8.01 -0.65 5.66
N LEU A 56 -6.82 -1.11 6.02
CA LEU A 56 -5.72 -0.22 6.32
C LEU A 56 -4.94 0.16 5.07
N CYS A 57 -4.55 1.41 4.98
CA CYS A 57 -3.74 1.86 3.87
C CYS A 57 -2.33 2.17 4.33
N TYR A 58 -1.36 1.46 3.76
CA TYR A 58 0.04 1.69 4.08
C TYR A 58 0.76 2.29 2.88
N PRO A 59 0.75 3.62 2.74
CA PRO A 59 1.54 4.30 1.73
C PRO A 59 3.02 4.15 2.05
N LYS A 60 3.78 3.54 1.14
CA LYS A 60 5.16 3.21 1.43
C LYS A 60 6.12 3.86 0.43
N ARG A 61 7.24 4.33 0.95
CA ARG A 61 8.22 5.06 0.14
C ARG A 61 9.53 4.29 0.08
N GLY A 62 10.40 4.73 -0.82
CA GLY A 62 11.72 4.15 -0.90
C GLY A 62 11.74 2.80 -1.60
N LYS A 63 12.64 1.94 -1.15
CA LYS A 63 12.80 0.62 -1.74
C LYS A 63 11.74 -0.33 -1.18
N PRO A 64 11.29 -1.27 -2.02
CA PRO A 64 10.27 -2.24 -1.63
C PRO A 64 10.85 -3.57 -1.16
N GLN A 65 10.04 -4.28 -0.41
CA GLN A 65 10.36 -5.60 0.10
C GLN A 65 9.05 -6.37 0.20
N PHE A 66 8.95 -7.50 -0.47
CA PHE A 66 7.67 -8.21 -0.54
C PHE A 66 7.69 -9.52 0.22
N TYR A 67 6.54 -9.88 0.76
CA TYR A 67 6.37 -11.15 1.47
C TYR A 67 4.90 -11.60 1.43
N LYS A 68 4.67 -12.89 1.51
CA LYS A 68 3.31 -13.44 1.43
C LYS A 68 2.55 -13.24 2.74
N TYR A 69 1.66 -12.25 2.74
CA TYR A 69 0.81 -12.01 3.89
C TYR A 69 -0.63 -11.83 3.42
N LEU A 70 -1.48 -12.79 3.76
CA LEU A 70 -2.88 -12.71 3.40
C LEU A 70 -3.53 -11.55 4.14
N GLY A 71 -4.24 -10.72 3.40
CA GLY A 71 -4.78 -9.50 3.96
C GLY A 71 -4.22 -8.27 3.26
N ASP A 72 -2.93 -8.28 2.99
CA ASP A 72 -2.27 -7.13 2.39
C ASP A 72 -2.34 -7.21 0.86
N MET A 73 -2.80 -6.13 0.24
CA MET A 73 -2.78 -6.02 -1.19
C MET A 73 -1.85 -4.87 -1.57
N THR A 74 -0.77 -5.19 -2.27
CA THR A 74 0.21 -4.17 -2.61
C THR A 74 0.09 -3.76 -4.07
N GLY A 75 -0.25 -2.50 -4.27
CA GLY A 75 -0.30 -1.94 -5.61
C GLY A 75 0.78 -0.89 -5.77
N SER A 76 0.95 -0.38 -6.98
CA SER A 76 1.98 0.60 -7.22
C SER A 76 1.38 2.00 -7.24
N ARG A 77 2.21 3.02 -7.01
CA ARG A 77 1.72 4.39 -6.87
C ARG A 77 0.82 4.80 -8.03
N THR A 78 1.21 4.42 -9.24
CA THR A 78 0.47 4.81 -10.43
C THR A 78 -0.61 3.78 -10.79
N CYS A 79 -0.60 2.64 -10.11
CA CYS A 79 -1.53 1.55 -10.42
C CYS A 79 -1.34 0.39 -9.44
N CYS A 10 0.25 -4.41 -13.77
CA CYS A 10 0.72 -4.04 -12.41
C CYS A 10 -0.12 -4.73 -11.36
N VAL A 11 0.54 -5.30 -10.36
CA VAL A 11 -0.16 -5.93 -9.25
C VAL A 11 -0.78 -4.87 -8.35
N HIS A 12 -1.92 -5.20 -7.76
CA HIS A 12 -2.60 -4.30 -6.84
C HIS A 12 -3.19 -5.10 -5.68
N THR A 13 -4.13 -5.98 -5.99
CA THR A 13 -4.77 -6.79 -4.98
C THR A 13 -4.18 -8.19 -4.92
N GLY A 14 -2.92 -8.26 -4.49
CA GLY A 14 -2.26 -9.53 -4.33
C GLY A 14 -1.95 -9.79 -2.88
N ASN A 15 -1.93 -11.06 -2.49
CA ASN A 15 -1.63 -11.46 -1.12
C ASN A 15 -0.14 -11.31 -0.83
N ILE A 16 0.37 -10.13 -1.09
CA ILE A 16 1.77 -9.79 -0.89
C ILE A 16 1.86 -8.45 -0.19
N GLY A 17 2.41 -8.45 1.01
CA GLY A 17 2.56 -7.21 1.75
C GLY A 17 3.93 -6.61 1.54
N SER A 18 4.17 -5.45 2.13
CA SER A 18 5.48 -4.84 2.06
C SER A 18 5.93 -4.34 3.43
N LYS A 19 7.14 -4.74 3.82
CA LYS A 19 7.73 -4.29 5.09
C LYS A 19 8.44 -2.96 4.92
N ALA A 20 8.18 -2.31 3.78
CA ALA A 20 8.73 -0.98 3.52
C ALA A 20 8.11 0.02 4.48
N GLN A 21 8.85 1.07 4.77
CA GLN A 21 8.44 2.08 5.72
C GLN A 21 7.27 2.90 5.18
N THR A 22 6.18 2.89 5.91
CA THR A 22 5.02 3.71 5.60
C THR A 22 5.40 5.18 5.74
N ILE A 23 5.00 5.98 4.76
CA ILE A 23 5.44 7.36 4.66
C ILE A 23 4.80 8.23 5.73
N GLY A 24 3.83 7.68 6.43
CA GLY A 24 3.14 8.46 7.43
C GLY A 24 2.22 7.63 8.29
N GLU A 25 1.24 8.30 8.88
CA GLU A 25 0.26 7.65 9.75
C GLU A 25 -0.59 6.66 8.96
N VAL A 26 -0.75 5.47 9.49
CA VAL A 26 -1.55 4.46 8.82
C VAL A 26 -3.03 4.73 9.06
N LYS A 27 -3.66 5.34 8.08
CA LYS A 27 -5.07 5.62 8.14
C LYS A 27 -5.81 4.63 7.25
N ARG A 28 -6.88 4.06 7.78
CA ARG A 28 -7.66 3.08 7.03
C ARG A 28 -8.27 3.70 5.79
N ALA A 29 -8.39 2.91 4.74
CA ALA A 29 -8.97 3.38 3.49
C ALA A 29 -10.15 2.50 3.12
N SER A 30 -11.16 3.11 2.55
CA SER A 30 -12.41 2.42 2.23
C SER A 30 -12.23 1.52 1.01
N SER A 31 -11.11 1.71 0.31
CA SER A 31 -10.79 0.89 -0.84
C SER A 31 -9.29 0.91 -1.10
N LEU A 32 -8.81 -0.05 -1.88
CA LEU A 32 -7.41 -0.07 -2.27
C LEU A 32 -7.10 1.12 -3.18
N SER A 33 -8.08 1.47 -4.00
CA SER A 33 -7.96 2.59 -4.91
C SER A 33 -7.85 3.91 -4.14
N GLU A 34 -8.50 3.98 -2.98
CA GLU A 34 -8.36 5.13 -2.10
C GLU A 34 -6.93 5.24 -1.58
N CYS A 35 -6.38 4.10 -1.19
CA CYS A 35 -5.00 4.04 -0.71
C CYS A 35 -4.02 4.38 -1.84
N ARG A 36 -4.41 4.04 -3.07
CA ARG A 36 -3.62 4.40 -4.24
C ARG A 36 -3.50 5.90 -4.38
N ALA A 37 -4.61 6.61 -4.18
CA ALA A 37 -4.61 8.06 -4.23
C ALA A 37 -3.83 8.63 -3.05
N ARG A 38 -3.83 7.89 -1.95
CA ARG A 38 -3.08 8.28 -0.77
C ARG A 38 -1.58 8.12 -0.96
N CYS A 39 -1.20 7.27 -1.91
CA CYS A 39 0.18 7.15 -2.34
C CYS A 39 0.56 8.37 -3.17
N GLN A 40 -0.37 8.84 -3.99
CA GLN A 40 -0.15 10.00 -4.84
C GLN A 40 0.03 11.26 -4.00
N ALA A 41 -0.56 11.25 -2.82
CA ALA A 41 -0.47 12.38 -1.90
C ALA A 41 0.97 12.59 -1.43
N GLU A 42 1.73 11.51 -1.35
CA GLU A 42 3.13 11.58 -0.95
C GLU A 42 4.02 11.87 -2.15
N LYS A 43 5.22 12.34 -1.86
CA LYS A 43 6.18 12.70 -2.89
C LYS A 43 7.25 11.64 -3.06
N GLU A 44 7.34 10.74 -2.09
CA GLU A 44 8.37 9.71 -2.11
C GLU A 44 7.74 8.31 -2.21
N CYS A 45 6.45 8.27 -2.48
CA CYS A 45 5.74 6.99 -2.52
C CYS A 45 6.02 6.29 -3.85
N SER A 46 6.45 5.05 -3.76
CA SER A 46 6.72 4.25 -4.95
C SER A 46 5.74 3.09 -5.04
N HIS A 47 5.14 2.75 -3.91
CA HIS A 47 4.19 1.65 -3.83
C HIS A 47 3.37 1.79 -2.56
N TYR A 48 2.29 1.06 -2.45
CA TYR A 48 1.48 1.10 -1.25
C TYR A 48 0.99 -0.28 -0.90
N THR A 49 0.86 -0.54 0.39
CA THR A 49 0.31 -1.78 0.87
C THR A 49 -1.01 -1.50 1.57
N TYR A 50 -2.08 -1.79 0.89
CA TYR A 50 -3.39 -1.62 1.46
C TYR A 50 -3.83 -2.92 2.10
N ASN A 51 -3.76 -2.96 3.42
CA ASN A 51 -4.23 -4.13 4.14
C ASN A 51 -5.75 -4.15 4.08
N VAL A 52 -6.25 -4.92 3.14
CA VAL A 52 -7.68 -4.95 2.85
C VAL A 52 -8.44 -5.70 3.93
N LYS A 53 -7.71 -6.47 4.71
CA LYS A 53 -8.28 -7.30 5.75
C LYS A 53 -8.72 -6.44 6.94
N SER A 54 -7.86 -5.54 7.37
CA SER A 54 -8.22 -4.58 8.42
C SER A 54 -8.75 -3.29 7.83
N GLY A 55 -8.39 -3.03 6.58
CA GLY A 55 -8.82 -1.82 5.91
C GLY A 55 -7.77 -0.74 5.97
N LEU A 56 -6.60 -1.08 6.51
CA LEU A 56 -5.54 -0.11 6.71
C LEU A 56 -4.82 0.22 5.41
N CYS A 57 -4.43 1.47 5.25
CA CYS A 57 -3.70 1.91 4.08
C CYS A 57 -2.25 2.22 4.45
N TYR A 58 -1.31 1.63 3.72
CA TYR A 58 0.10 1.87 3.96
C TYR A 58 0.79 2.44 2.73
N PRO A 59 0.74 3.76 2.53
CA PRO A 59 1.56 4.41 1.51
C PRO A 59 3.03 4.27 1.89
N LYS A 60 3.82 3.63 1.04
CA LYS A 60 5.18 3.28 1.41
C LYS A 60 6.21 3.87 0.46
N ARG A 61 7.26 4.44 1.05
CA ARG A 61 8.28 5.15 0.30
C ARG A 61 9.51 4.29 0.08
N GLY A 62 10.34 4.69 -0.87
CA GLY A 62 11.59 4.00 -1.11
C GLY A 62 11.39 2.63 -1.73
N LYS A 63 12.30 1.71 -1.40
CA LYS A 63 12.26 0.36 -1.95
C LYS A 63 11.28 -0.52 -1.18
N PRO A 64 10.63 -1.47 -1.86
CA PRO A 64 9.68 -2.36 -1.25
C PRO A 64 10.31 -3.65 -0.74
N GLN A 65 9.55 -4.36 0.07
CA GLN A 65 9.93 -5.67 0.57
C GLN A 65 8.68 -6.53 0.56
N PHE A 66 8.69 -7.60 -0.20
CA PHE A 66 7.46 -8.36 -0.43
C PHE A 66 7.41 -9.63 0.40
N TYR A 67 6.25 -9.90 0.96
CA TYR A 67 6.01 -11.12 1.72
C TYR A 67 4.61 -11.64 1.45
N LYS A 68 4.46 -12.94 1.36
CA LYS A 68 3.16 -13.55 1.08
C LYS A 68 2.29 -13.56 2.33
N TYR A 69 1.38 -12.61 2.41
CA TYR A 69 0.42 -12.55 3.51
C TYR A 69 -0.98 -12.29 2.96
N LEU A 70 -1.91 -13.18 3.26
CA LEU A 70 -3.28 -13.01 2.83
C LEU A 70 -3.95 -11.93 3.69
N GLY A 71 -3.95 -10.71 3.19
CA GLY A 71 -4.52 -9.61 3.92
C GLY A 71 -3.95 -8.27 3.49
N ASP A 72 -2.72 -8.30 3.00
CA ASP A 72 -2.03 -7.08 2.60
C ASP A 72 -1.94 -7.02 1.08
N MET A 73 -2.50 -5.98 0.50
CA MET A 73 -2.49 -5.83 -0.95
C MET A 73 -1.50 -4.73 -1.33
N THR A 74 -0.45 -5.10 -2.05
CA THR A 74 0.54 -4.14 -2.47
C THR A 74 0.42 -3.83 -3.96
N GLY A 75 0.20 -2.57 -4.27
CA GLY A 75 0.08 -2.14 -5.65
C GLY A 75 1.06 -1.05 -5.98
N SER A 76 1.42 -0.95 -7.25
CA SER A 76 2.29 0.11 -7.72
C SER A 76 1.55 1.44 -7.70
N ARG A 77 2.28 2.54 -7.52
CA ARG A 77 1.64 3.84 -7.31
C ARG A 77 0.72 4.22 -8.47
N THR A 78 1.23 4.15 -9.70
CA THR A 78 0.44 4.52 -10.87
C THR A 78 1.01 3.89 -12.14
N CYS A 79 0.25 2.97 -12.74
CA CYS A 79 0.64 2.37 -14.00
C CYS A 79 -0.55 1.61 -14.61
N CYS A 10 -2.48 -1.75 -12.32
CA CYS A 10 -1.85 -3.07 -12.54
C CYS A 10 -1.91 -3.92 -11.27
N VAL A 11 -2.59 -3.40 -10.26
CA VAL A 11 -2.65 -4.08 -8.97
C VAL A 11 -3.69 -5.18 -8.98
N HIS A 12 -3.23 -6.42 -8.87
CA HIS A 12 -4.13 -7.56 -8.93
C HIS A 12 -4.45 -8.07 -7.51
N THR A 13 -4.19 -7.22 -6.53
CA THR A 13 -4.43 -7.52 -5.11
C THR A 13 -3.81 -8.86 -4.70
N GLY A 14 -2.50 -8.92 -4.74
CA GLY A 14 -1.79 -10.10 -4.31
C GLY A 14 -1.55 -10.08 -2.82
N ASN A 15 -1.68 -11.24 -2.18
CA ASN A 15 -1.46 -11.37 -0.73
C ASN A 15 0.02 -11.25 -0.39
N ILE A 16 0.58 -10.10 -0.70
CA ILE A 16 1.99 -9.82 -0.50
C ILE A 16 2.16 -8.48 0.20
N GLY A 17 2.70 -8.52 1.41
CA GLY A 17 2.97 -7.31 2.15
C GLY A 17 4.36 -6.81 1.87
N SER A 18 4.68 -5.61 2.33
CA SER A 18 6.01 -5.06 2.12
C SER A 18 6.60 -4.55 3.44
N LYS A 19 7.92 -4.71 3.57
CA LYS A 19 8.64 -4.24 4.75
C LYS A 19 8.96 -2.75 4.64
N ALA A 20 8.76 -2.21 3.44
CA ALA A 20 8.98 -0.79 3.20
C ALA A 20 8.23 0.07 4.20
N GLN A 21 8.89 1.10 4.65
CA GLN A 21 8.39 1.96 5.68
C GLN A 21 7.21 2.80 5.21
N THR A 22 6.19 2.91 6.07
CA THR A 22 5.06 3.76 5.81
C THR A 22 5.48 5.22 5.92
N ILE A 23 5.06 6.03 4.96
CA ILE A 23 5.48 7.42 4.86
C ILE A 23 4.83 8.27 5.95
N GLY A 24 3.71 7.78 6.47
CA GLY A 24 3.00 8.48 7.51
C GLY A 24 2.20 7.52 8.37
N GLU A 25 1.36 8.05 9.24
CA GLU A 25 0.54 7.24 10.11
C GLU A 25 -0.43 6.38 9.28
N VAL A 26 -0.60 5.14 9.69
CA VAL A 26 -1.47 4.22 8.97
C VAL A 26 -2.93 4.54 9.25
N LYS A 27 -3.60 5.08 8.24
CA LYS A 27 -5.01 5.38 8.33
C LYS A 27 -5.77 4.38 7.49
N ARG A 28 -7.03 4.15 7.84
CA ARG A 28 -7.87 3.22 7.11
C ARG A 28 -8.40 3.86 5.84
N ALA A 29 -8.54 3.07 4.79
CA ALA A 29 -9.04 3.54 3.51
C ALA A 29 -10.23 2.70 3.08
N SER A 30 -11.17 3.32 2.37
CA SER A 30 -12.40 2.63 1.97
C SER A 30 -12.22 1.84 0.67
N SER A 31 -10.97 1.74 0.20
CA SER A 31 -10.67 0.93 -0.98
C SER A 31 -9.16 0.95 -1.28
N LEU A 32 -8.69 -0.04 -2.02
CA LEU A 32 -7.30 -0.07 -2.45
C LEU A 32 -7.02 1.11 -3.37
N SER A 33 -8.01 1.45 -4.19
CA SER A 33 -7.91 2.59 -5.07
C SER A 33 -7.75 3.89 -4.28
N GLU A 34 -8.44 3.96 -3.15
CA GLU A 34 -8.35 5.13 -2.27
C GLU A 34 -6.94 5.26 -1.71
N CYS A 35 -6.37 4.14 -1.28
CA CYS A 35 -5.02 4.12 -0.76
C CYS A 35 -4.02 4.44 -1.87
N ARG A 36 -4.41 4.16 -3.11
CA ARG A 36 -3.61 4.55 -4.27
C ARG A 36 -3.51 6.06 -4.34
N ALA A 37 -4.65 6.72 -4.20
CA ALA A 37 -4.71 8.17 -4.15
C ALA A 37 -3.91 8.69 -2.96
N ARG A 38 -3.86 7.88 -1.91
CA ARG A 38 -3.10 8.23 -0.73
C ARG A 38 -1.60 8.21 -1.02
N CYS A 39 -1.18 7.24 -1.84
CA CYS A 39 0.21 7.14 -2.26
C CYS A 39 0.59 8.33 -3.14
N GLN A 40 -0.37 8.77 -3.95
CA GLN A 40 -0.16 9.91 -4.84
C GLN A 40 0.14 11.18 -4.03
N ALA A 41 -0.45 11.25 -2.84
CA ALA A 41 -0.26 12.39 -1.96
C ALA A 41 1.20 12.53 -1.53
N GLU A 42 1.81 11.40 -1.16
CA GLU A 42 3.22 11.39 -0.76
C GLU A 42 4.09 11.31 -2.00
N LYS A 43 4.81 12.40 -2.27
CA LYS A 43 5.66 12.47 -3.46
C LYS A 43 6.75 11.41 -3.44
N GLU A 44 7.13 10.95 -2.25
CA GLU A 44 8.21 9.99 -2.12
C GLU A 44 7.67 8.56 -2.13
N CYS A 45 6.36 8.43 -2.32
CA CYS A 45 5.71 7.12 -2.37
C CYS A 45 5.97 6.49 -3.73
N SER A 46 6.15 5.19 -3.76
CA SER A 46 6.33 4.47 -5.00
C SER A 46 5.37 3.29 -5.10
N HIS A 47 4.84 2.90 -3.96
CA HIS A 47 3.92 1.78 -3.87
C HIS A 47 3.21 1.84 -2.53
N TYR A 48 2.08 1.18 -2.44
CA TYR A 48 1.33 1.18 -1.20
C TYR A 48 0.86 -0.23 -0.86
N THR A 49 0.86 -0.53 0.42
CA THR A 49 0.32 -1.79 0.89
C THR A 49 -1.04 -1.53 1.51
N TYR A 50 -2.03 -2.23 1.05
CA TYR A 50 -3.38 -2.02 1.53
C TYR A 50 -3.91 -3.27 2.18
N ASN A 51 -4.06 -3.24 3.49
CA ASN A 51 -4.63 -4.37 4.19
C ASN A 51 -6.13 -4.35 4.00
N VAL A 52 -6.59 -5.13 3.04
CA VAL A 52 -7.98 -5.09 2.59
C VAL A 52 -8.89 -5.80 3.60
N LYS A 53 -8.30 -6.35 4.64
CA LYS A 53 -9.07 -7.00 5.69
C LYS A 53 -9.49 -5.99 6.76
N SER A 54 -8.53 -5.32 7.36
CA SER A 54 -8.81 -4.30 8.36
C SER A 54 -9.16 -2.98 7.67
N GLY A 55 -8.74 -2.85 6.43
CA GLY A 55 -9.02 -1.65 5.65
C GLY A 55 -7.91 -0.64 5.76
N LEU A 56 -6.80 -1.02 6.37
CA LEU A 56 -5.71 -0.10 6.63
C LEU A 56 -4.91 0.19 5.36
N CYS A 57 -4.50 1.44 5.21
CA CYS A 57 -3.74 1.88 4.05
C CYS A 57 -2.29 2.18 4.46
N TYR A 58 -1.36 1.55 3.77
CA TYR A 58 0.06 1.70 4.06
C TYR A 58 0.81 2.31 2.89
N PRO A 59 0.85 3.65 2.78
CA PRO A 59 1.66 4.33 1.77
C PRO A 59 3.12 4.12 2.09
N LYS A 60 3.85 3.50 1.18
CA LYS A 60 5.23 3.14 1.45
C LYS A 60 6.18 3.84 0.50
N ARG A 61 7.23 4.40 1.09
CA ARG A 61 8.22 5.14 0.34
C ARG A 61 9.44 4.27 0.09
N GLY A 62 10.19 4.59 -0.94
CA GLY A 62 11.34 3.80 -1.30
C GLY A 62 10.95 2.51 -2.01
N LYS A 63 11.87 1.56 -2.04
CA LYS A 63 11.63 0.29 -2.72
C LYS A 63 10.91 -0.69 -1.79
N PRO A 64 10.10 -1.59 -2.36
CA PRO A 64 9.32 -2.55 -1.60
C PRO A 64 10.10 -3.81 -1.24
N GLN A 65 9.52 -4.59 -0.35
CA GLN A 65 10.07 -5.87 0.05
C GLN A 65 8.92 -6.83 0.21
N PHE A 66 8.90 -7.90 -0.56
CA PHE A 66 7.71 -8.71 -0.67
C PHE A 66 7.73 -9.93 0.22
N TYR A 67 6.69 -10.05 1.03
CA TYR A 67 6.46 -11.23 1.85
C TYR A 67 4.99 -11.65 1.74
N LYS A 68 4.73 -12.94 1.81
CA LYS A 68 3.38 -13.46 1.62
C LYS A 68 2.54 -13.19 2.86
N TYR A 69 1.60 -12.26 2.72
CA TYR A 69 0.72 -11.86 3.82
C TYR A 69 -0.72 -11.82 3.34
N LEU A 70 -1.54 -12.72 3.85
CA LEU A 70 -2.95 -12.77 3.47
C LEU A 70 -3.69 -11.59 4.10
N GLY A 71 -3.95 -10.58 3.29
CA GLY A 71 -4.63 -9.41 3.78
C GLY A 71 -4.04 -8.14 3.22
N ASP A 72 -2.74 -8.16 2.96
CA ASP A 72 -2.02 -6.98 2.49
C ASP A 72 -1.88 -7.02 0.97
N MET A 73 -2.46 -6.04 0.29
CA MET A 73 -2.33 -5.93 -1.15
C MET A 73 -1.38 -4.79 -1.48
N THR A 74 -0.24 -5.11 -2.07
CA THR A 74 0.74 -4.10 -2.38
C THR A 74 0.70 -3.75 -3.86
N GLY A 75 0.34 -2.49 -4.14
CA GLY A 75 0.25 -2.04 -5.51
C GLY A 75 1.12 -0.83 -5.76
N SER A 76 1.53 -0.64 -7.01
CA SER A 76 2.37 0.49 -7.37
C SER A 76 1.52 1.77 -7.42
N ARG A 77 2.20 2.92 -7.36
CA ARG A 77 1.51 4.21 -7.35
C ARG A 77 0.91 4.54 -8.72
N THR A 78 -0.28 4.04 -8.96
CA THR A 78 -1.03 4.31 -10.18
C THR A 78 -0.28 3.77 -11.40
N CYS A 79 -0.49 2.49 -11.67
CA CYS A 79 0.18 1.82 -12.78
C CYS A 79 -0.83 1.36 -13.82
N CYS A 10 2.03 -3.56 -14.03
CA CYS A 10 2.18 -2.98 -12.67
C CYS A 10 1.64 -3.94 -11.61
N VAL A 11 2.39 -4.13 -10.55
CA VAL A 11 1.99 -5.02 -9.47
C VAL A 11 0.79 -4.45 -8.72
N HIS A 12 -0.24 -5.26 -8.57
CA HIS A 12 -1.43 -4.86 -7.83
C HIS A 12 -2.07 -6.09 -7.20
N THR A 13 -2.65 -5.92 -6.02
CA THR A 13 -3.22 -7.02 -5.26
C THR A 13 -2.09 -7.98 -4.84
N GLY A 14 -2.07 -9.20 -5.37
CA GLY A 14 -0.93 -10.06 -5.17
C GLY A 14 -0.94 -10.82 -3.86
N ASN A 15 -1.89 -10.50 -2.96
CA ASN A 15 -1.84 -10.98 -1.57
C ASN A 15 -0.42 -10.86 -1.04
N ILE A 16 0.16 -9.68 -1.27
CA ILE A 16 1.54 -9.38 -0.94
C ILE A 16 1.58 -8.14 -0.08
N GLY A 17 2.27 -8.24 1.04
CA GLY A 17 2.47 -7.09 1.88
C GLY A 17 3.87 -6.55 1.72
N SER A 18 4.08 -5.31 2.09
CA SER A 18 5.41 -4.73 2.03
C SER A 18 5.88 -4.28 3.40
N LYS A 19 7.13 -4.60 3.72
CA LYS A 19 7.71 -4.23 5.00
C LYS A 19 8.48 -2.91 4.90
N ALA A 20 8.26 -2.22 3.79
CA ALA A 20 8.87 -0.91 3.57
C ALA A 20 8.30 0.13 4.52
N GLN A 21 8.97 1.26 4.59
CA GLN A 21 8.60 2.32 5.48
C GLN A 21 7.36 3.05 4.99
N THR A 22 6.34 3.10 5.83
CA THR A 22 5.14 3.86 5.54
C THR A 22 5.47 5.35 5.64
N ILE A 23 5.00 6.13 4.68
CA ILE A 23 5.39 7.53 4.55
C ILE A 23 4.72 8.39 5.61
N GLY A 24 3.90 7.77 6.44
CA GLY A 24 3.23 8.50 7.50
C GLY A 24 2.31 7.63 8.31
N GLU A 25 1.36 8.27 8.99
CA GLU A 25 0.38 7.60 9.81
C GLU A 25 -0.45 6.62 9.00
N VAL A 26 -0.59 5.41 9.51
CA VAL A 26 -1.39 4.39 8.86
C VAL A 26 -2.86 4.61 9.17
N LYS A 27 -3.56 5.20 8.23
CA LYS A 27 -4.97 5.46 8.35
C LYS A 27 -5.75 4.54 7.42
N ARG A 28 -6.93 4.12 7.87
CA ARG A 28 -7.73 3.17 7.14
C ARG A 28 -8.31 3.80 5.87
N ALA A 29 -8.40 3.00 4.82
CA ALA A 29 -8.90 3.47 3.53
C ALA A 29 -10.07 2.60 3.08
N SER A 30 -11.06 3.26 2.46
CA SER A 30 -12.30 2.61 2.06
C SER A 30 -12.07 1.51 1.03
N SER A 31 -11.02 1.66 0.24
CA SER A 31 -10.68 0.69 -0.79
C SER A 31 -9.19 0.71 -1.09
N LEU A 32 -8.74 -0.22 -1.93
CA LEU A 32 -7.35 -0.21 -2.37
C LEU A 32 -7.08 1.00 -3.25
N SER A 33 -7.99 1.28 -4.18
CA SER A 33 -7.86 2.42 -5.05
C SER A 33 -7.82 3.71 -4.23
N GLU A 34 -8.52 3.73 -3.11
CA GLU A 34 -8.50 4.85 -2.19
C GLU A 34 -7.10 5.01 -1.61
N CYS A 35 -6.51 3.88 -1.22
CA CYS A 35 -5.16 3.86 -0.69
C CYS A 35 -4.15 4.27 -1.75
N ARG A 36 -4.47 4.00 -3.01
CA ARG A 36 -3.64 4.45 -4.12
C ARG A 36 -3.54 5.97 -4.07
N ALA A 37 -4.68 6.62 -3.95
CA ALA A 37 -4.74 8.08 -3.86
C ALA A 37 -3.93 8.58 -2.66
N ARG A 38 -3.97 7.82 -1.57
CA ARG A 38 -3.19 8.13 -0.39
C ARG A 38 -1.70 8.07 -0.67
N CYS A 39 -1.30 7.19 -1.57
CA CYS A 39 0.11 7.08 -1.96
C CYS A 39 0.44 8.13 -3.03
N GLN A 40 -0.58 8.51 -3.80
CA GLN A 40 -0.43 9.57 -4.80
C GLN A 40 -0.15 10.90 -4.13
N ALA A 41 -0.59 10.99 -2.88
CA ALA A 41 -0.39 12.18 -2.07
C ALA A 41 1.08 12.36 -1.70
N GLU A 42 1.85 11.27 -1.77
CA GLU A 42 3.26 11.33 -1.45
C GLU A 42 4.12 11.22 -2.71
N LYS A 43 5.08 12.12 -2.84
CA LYS A 43 6.03 12.07 -3.95
C LYS A 43 7.15 11.06 -3.63
N GLU A 44 7.20 10.66 -2.37
CA GLU A 44 8.15 9.66 -1.91
C GLU A 44 7.65 8.26 -2.20
N CYS A 45 6.36 8.14 -2.48
CA CYS A 45 5.73 6.83 -2.64
C CYS A 45 6.20 6.13 -3.90
N SER A 46 6.47 4.84 -3.78
CA SER A 46 6.80 3.99 -4.92
C SER A 46 5.88 2.79 -4.97
N HIS A 47 5.14 2.58 -3.88
CA HIS A 47 4.25 1.43 -3.74
C HIS A 47 3.45 1.57 -2.46
N TYR A 48 2.27 0.99 -2.42
CA TYR A 48 1.44 1.06 -1.25
C TYR A 48 0.88 -0.31 -0.88
N THR A 49 0.95 -0.63 0.40
CA THR A 49 0.36 -1.87 0.91
C THR A 49 -0.97 -1.56 1.57
N TYR A 50 -2.03 -2.03 0.96
CA TYR A 50 -3.33 -1.82 1.51
C TYR A 50 -3.84 -3.12 2.11
N ASN A 51 -4.00 -3.14 3.41
CA ASN A 51 -4.51 -4.30 4.10
C ASN A 51 -6.02 -4.30 4.02
N VAL A 52 -6.56 -5.09 3.12
CA VAL A 52 -7.99 -5.08 2.84
C VAL A 52 -8.80 -5.64 3.99
N LYS A 53 -8.15 -6.47 4.82
CA LYS A 53 -8.83 -7.13 5.93
C LYS A 53 -9.05 -6.15 7.09
N SER A 54 -7.98 -5.49 7.53
CA SER A 54 -8.13 -4.49 8.57
C SER A 54 -8.68 -3.19 7.98
N GLY A 55 -8.32 -2.93 6.73
CA GLY A 55 -8.76 -1.72 6.06
C GLY A 55 -7.67 -0.67 6.00
N LEU A 56 -6.54 -0.99 6.59
CA LEU A 56 -5.45 -0.04 6.75
C LEU A 56 -4.72 0.22 5.44
N CYS A 57 -4.34 1.47 5.23
CA CYS A 57 -3.60 1.86 4.05
C CYS A 57 -2.16 2.20 4.41
N TYR A 58 -1.21 1.59 3.71
CA TYR A 58 0.21 1.85 3.95
C TYR A 58 0.89 2.42 2.71
N PRO A 59 0.84 3.74 2.51
CA PRO A 59 1.65 4.40 1.50
C PRO A 59 3.12 4.25 1.88
N LYS A 60 3.91 3.62 1.05
CA LYS A 60 5.30 3.33 1.40
C LYS A 60 6.27 3.94 0.41
N ARG A 61 7.37 4.44 0.95
CA ARG A 61 8.37 5.11 0.16
C ARG A 61 9.63 4.27 0.07
N GLY A 62 10.57 4.76 -0.73
CA GLY A 62 11.85 4.11 -0.88
C GLY A 62 11.74 2.75 -1.53
N LYS A 63 12.59 1.84 -1.11
CA LYS A 63 12.61 0.49 -1.66
C LYS A 63 11.56 -0.37 -0.96
N PRO A 64 10.99 -1.34 -1.68
CA PRO A 64 9.99 -2.23 -1.14
C PRO A 64 10.57 -3.53 -0.58
N GLN A 65 9.72 -4.26 0.12
CA GLN A 65 10.03 -5.58 0.63
C GLN A 65 8.74 -6.38 0.59
N PHE A 66 8.70 -7.46 -0.16
CA PHE A 66 7.45 -8.16 -0.38
C PHE A 66 7.38 -9.45 0.42
N TYR A 67 6.25 -9.67 1.07
CA TYR A 67 6.01 -10.89 1.80
C TYR A 67 4.63 -11.44 1.49
N LYS A 68 4.49 -12.76 1.52
CA LYS A 68 3.25 -13.43 1.15
C LYS A 68 2.29 -13.47 2.33
N TYR A 69 1.40 -12.49 2.40
CA TYR A 69 0.35 -12.49 3.40
C TYR A 69 -0.99 -12.15 2.77
N LEU A 70 -1.90 -13.10 2.77
CA LEU A 70 -3.25 -12.82 2.33
C LEU A 70 -3.88 -11.86 3.33
N GLY A 71 -4.38 -10.76 2.81
CA GLY A 71 -4.81 -9.67 3.66
C GLY A 71 -4.23 -8.35 3.20
N ASP A 72 -3.01 -8.40 2.66
CA ASP A 72 -2.34 -7.21 2.18
C ASP A 72 -2.31 -7.21 0.66
N MET A 73 -2.50 -6.04 0.08
CA MET A 73 -2.39 -5.87 -1.35
C MET A 73 -1.46 -4.71 -1.66
N THR A 74 -0.36 -4.99 -2.32
CA THR A 74 0.60 -3.94 -2.64
C THR A 74 0.45 -3.50 -4.09
N GLY A 75 -0.05 -2.29 -4.26
CA GLY A 75 -0.17 -1.71 -5.58
C GLY A 75 1.03 -0.84 -5.88
N SER A 76 1.40 -0.74 -7.15
CA SER A 76 2.57 0.02 -7.55
C SER A 76 2.44 1.50 -7.18
N ARG A 77 1.64 2.24 -7.93
CA ARG A 77 1.48 3.68 -7.70
C ARG A 77 0.46 4.24 -8.66
N THR A 78 0.56 3.82 -9.91
CA THR A 78 -0.39 4.21 -10.93
C THR A 78 -0.28 3.26 -12.13
N CYS A 79 -1.40 3.01 -12.79
CA CYS A 79 -1.43 2.15 -13.95
C CYS A 79 -2.24 2.78 -15.07
N CYS A 10 -2.31 -1.73 -11.69
CA CYS A 10 -2.50 -0.87 -10.50
C CYS A 10 -3.38 -1.58 -9.46
N VAL A 11 -4.63 -1.85 -9.82
CA VAL A 11 -5.55 -2.50 -8.88
C VAL A 11 -5.45 -4.02 -9.00
N HIS A 12 -4.89 -4.65 -7.98
CA HIS A 12 -4.75 -6.10 -7.96
C HIS A 12 -4.57 -6.61 -6.53
N THR A 13 -5.41 -7.55 -6.15
CA THR A 13 -5.33 -8.18 -4.84
C THR A 13 -4.26 -9.26 -4.86
N GLY A 14 -3.44 -9.31 -3.81
CA GLY A 14 -2.39 -10.31 -3.76
C GLY A 14 -2.36 -11.02 -2.43
N ASN A 15 -1.16 -11.35 -1.99
CA ASN A 15 -0.92 -11.92 -0.68
C ASN A 15 0.56 -11.75 -0.37
N ILE A 16 1.02 -10.56 -0.70
CA ILE A 16 2.42 -10.21 -0.66
C ILE A 16 2.56 -8.79 -0.08
N GLY A 17 2.86 -8.72 1.20
CA GLY A 17 3.02 -7.43 1.84
C GLY A 17 4.41 -6.87 1.62
N SER A 18 4.64 -5.64 2.07
CA SER A 18 5.92 -5.00 1.87
C SER A 18 6.44 -4.40 3.16
N LYS A 19 7.73 -4.59 3.43
CA LYS A 19 8.35 -4.08 4.65
C LYS A 19 8.89 -2.68 4.46
N ALA A 20 8.52 -2.06 3.34
CA ALA A 20 8.93 -0.70 3.05
C ALA A 20 8.32 0.25 4.07
N GLN A 21 9.09 1.26 4.41
CA GLN A 21 8.73 2.22 5.43
C GLN A 21 7.49 3.02 5.04
N THR A 22 6.50 3.01 5.91
CA THR A 22 5.32 3.83 5.74
C THR A 22 5.71 5.30 5.87
N ILE A 23 5.28 6.10 4.92
CA ILE A 23 5.72 7.49 4.82
C ILE A 23 5.12 8.35 5.94
N GLY A 24 4.13 7.79 6.62
CA GLY A 24 3.51 8.48 7.73
C GLY A 24 2.67 7.53 8.56
N GLU A 25 1.67 8.08 9.24
CA GLU A 25 0.74 7.28 10.02
C GLU A 25 -0.09 6.40 9.10
N VAL A 26 -0.31 5.16 9.51
CA VAL A 26 -1.14 4.26 8.73
C VAL A 26 -2.58 4.70 8.79
N LYS A 27 -3.10 5.14 7.65
CA LYS A 27 -4.43 5.70 7.59
C LYS A 27 -5.36 4.76 6.86
N ARG A 28 -6.51 4.53 7.45
CA ARG A 28 -7.52 3.64 6.89
C ARG A 28 -8.10 4.19 5.60
N ALA A 29 -8.32 3.31 4.64
CA ALA A 29 -8.83 3.70 3.34
C ALA A 29 -10.11 2.92 3.04
N SER A 30 -10.99 3.54 2.26
CA SER A 30 -12.27 2.93 1.91
C SER A 30 -12.11 1.86 0.83
N SER A 31 -10.99 1.90 0.13
CA SER A 31 -10.69 0.94 -0.92
C SER A 31 -9.22 0.97 -1.26
N LEU A 32 -8.77 0.04 -2.10
CA LEU A 32 -7.39 0.04 -2.55
C LEU A 32 -7.11 1.27 -3.40
N SER A 33 -8.05 1.57 -4.30
CA SER A 33 -7.93 2.74 -5.15
C SER A 33 -7.87 4.01 -4.31
N GLU A 34 -8.52 3.99 -3.15
CA GLU A 34 -8.46 5.08 -2.20
C GLU A 34 -7.06 5.17 -1.60
N CYS A 35 -6.46 4.01 -1.38
CA CYS A 35 -5.09 3.93 -0.87
C CYS A 35 -4.11 4.46 -1.93
N ARG A 36 -4.47 4.32 -3.19
CA ARG A 36 -3.70 4.90 -4.27
C ARG A 36 -3.72 6.43 -4.17
N ALA A 37 -4.89 6.98 -3.87
CA ALA A 37 -5.03 8.41 -3.66
C ALA A 37 -4.20 8.85 -2.46
N ARG A 38 -4.08 7.97 -1.48
CA ARG A 38 -3.23 8.20 -0.33
C ARG A 38 -1.76 8.35 -0.76
N CYS A 39 -1.37 7.58 -1.77
CA CYS A 39 -0.02 7.66 -2.30
C CYS A 39 0.11 8.73 -3.37
N GLN A 40 -1.00 9.26 -3.84
CA GLN A 40 -0.98 10.44 -4.68
C GLN A 40 -0.64 11.64 -3.83
N ALA A 41 -1.13 11.60 -2.60
CA ALA A 41 -0.80 12.61 -1.61
C ALA A 41 0.66 12.47 -1.17
N GLU A 42 1.07 11.25 -0.84
CA GLU A 42 2.45 10.97 -0.48
C GLU A 42 3.33 10.85 -1.73
N LYS A 43 3.99 11.94 -2.06
CA LYS A 43 4.83 12.03 -3.26
C LYS A 43 5.88 10.91 -3.29
N GLU A 44 6.44 10.59 -2.14
CA GLU A 44 7.55 9.66 -2.06
C GLU A 44 7.07 8.20 -2.10
N CYS A 45 5.76 8.00 -2.18
CA CYS A 45 5.22 6.64 -2.20
C CYS A 45 5.49 5.99 -3.55
N SER A 46 6.17 4.85 -3.51
CA SER A 46 6.45 4.10 -4.72
C SER A 46 5.40 3.00 -4.90
N HIS A 47 4.90 2.53 -3.77
CA HIS A 47 3.95 1.43 -3.73
C HIS A 47 3.27 1.44 -2.37
N TYR A 48 2.10 0.85 -2.29
CA TYR A 48 1.36 0.84 -1.04
C TYR A 48 0.85 -0.56 -0.71
N THR A 49 0.87 -0.89 0.57
CA THR A 49 0.29 -2.14 1.03
C THR A 49 -1.07 -1.86 1.64
N TYR A 50 -2.10 -2.31 0.97
CA TYR A 50 -3.45 -2.10 1.43
C TYR A 50 -3.98 -3.33 2.14
N ASN A 51 -4.13 -3.22 3.45
CA ASN A 51 -4.73 -4.30 4.22
C ASN A 51 -6.23 -4.28 3.98
N VAL A 52 -6.67 -5.11 3.07
CA VAL A 52 -8.05 -5.08 2.58
C VAL A 52 -9.03 -5.60 3.64
N LYS A 53 -8.51 -6.30 4.64
CA LYS A 53 -9.35 -6.79 5.73
C LYS A 53 -9.59 -5.69 6.77
N SER A 54 -8.50 -5.11 7.27
CA SER A 54 -8.59 -4.06 8.28
C SER A 54 -9.01 -2.73 7.64
N GLY A 55 -8.81 -2.63 6.33
CA GLY A 55 -9.11 -1.41 5.62
C GLY A 55 -8.03 -0.37 5.80
N LEU A 56 -6.83 -0.83 6.11
CA LEU A 56 -5.71 0.06 6.36
C LEU A 56 -4.89 0.27 5.11
N CYS A 57 -4.47 1.50 4.89
CA CYS A 57 -3.64 1.83 3.76
C CYS A 57 -2.23 2.15 4.24
N TYR A 58 -1.24 1.42 3.71
CA TYR A 58 0.14 1.65 4.08
C TYR A 58 0.90 2.30 2.92
N PRO A 59 0.90 3.63 2.84
CA PRO A 59 1.69 4.35 1.84
C PRO A 59 3.17 4.18 2.13
N LYS A 60 3.87 3.48 1.26
CA LYS A 60 5.25 3.13 1.53
C LYS A 60 6.22 3.81 0.58
N ARG A 61 7.33 4.27 1.14
CA ARG A 61 8.33 5.00 0.38
C ARG A 61 9.59 4.16 0.20
N GLY A 62 10.37 4.51 -0.81
CA GLY A 62 11.65 3.83 -1.03
C GLY A 62 11.48 2.50 -1.74
N LYS A 63 12.53 1.68 -1.69
CA LYS A 63 12.53 0.37 -2.33
C LYS A 63 11.80 -0.64 -1.46
N PRO A 64 11.02 -1.54 -2.08
CA PRO A 64 10.16 -2.48 -1.36
C PRO A 64 10.82 -3.80 -1.01
N GLN A 65 10.16 -4.50 -0.11
CA GLN A 65 10.48 -5.88 0.22
C GLN A 65 9.18 -6.65 0.16
N PHE A 66 9.21 -7.93 -0.19
CA PHE A 66 7.97 -8.68 -0.34
C PHE A 66 7.92 -9.87 0.60
N TYR A 67 6.81 -10.01 1.32
CA TYR A 67 6.61 -11.13 2.22
C TYR A 67 5.22 -11.73 2.03
N LYS A 68 5.08 -13.00 2.39
CA LYS A 68 3.81 -13.70 2.20
C LYS A 68 2.84 -13.37 3.32
N TYR A 69 1.78 -12.66 2.97
CA TYR A 69 0.80 -12.19 3.94
C TYR A 69 -0.60 -12.49 3.41
N LEU A 70 -1.59 -12.50 4.29
CA LEU A 70 -2.96 -12.65 3.83
C LEU A 70 -3.80 -11.44 4.22
N GLY A 71 -4.48 -10.87 3.23
CA GLY A 71 -5.31 -9.71 3.46
C GLY A 71 -4.64 -8.42 3.00
N ASP A 72 -3.49 -8.54 2.39
CA ASP A 72 -2.77 -7.40 1.87
C ASP A 72 -3.02 -7.27 0.37
N MET A 73 -2.83 -6.07 -0.14
CA MET A 73 -2.71 -5.86 -1.57
C MET A 73 -1.65 -4.80 -1.80
N THR A 74 -0.54 -5.17 -2.41
CA THR A 74 0.54 -4.23 -2.63
C THR A 74 0.56 -3.79 -4.09
N GLY A 75 0.12 -2.55 -4.31
CA GLY A 75 0.04 -2.02 -5.65
C GLY A 75 0.98 -0.86 -5.86
N SER A 76 1.22 -0.51 -7.11
CA SER A 76 2.13 0.57 -7.46
C SER A 76 1.46 1.92 -7.21
N ARG A 77 2.26 2.94 -6.90
CA ARG A 77 1.77 4.27 -6.54
C ARG A 77 0.66 4.76 -7.47
N THR A 78 0.90 4.74 -8.77
CA THR A 78 -0.06 5.20 -9.75
C THR A 78 0.09 4.43 -11.04
N CYS A 79 -0.81 4.68 -11.99
CA CYS A 79 -0.76 4.04 -13.29
C CYS A 79 0.07 4.86 -14.26
#